data_2POP
#
_entry.id   2POP
#
_cell.length_a   60.986
_cell.length_b   108.712
_cell.length_c   175.698
_cell.angle_alpha   90.000
_cell.angle_beta   90.000
_cell.angle_gamma   90.000
#
_symmetry.space_group_name_H-M   'P 21 21 21'
#
loop_
_entity.id
_entity.type
_entity.pdbx_description
1 polymer 'Mitogen-activated protein kinase kinase kinase 7-interacting protein 1'
2 polymer 'Baculoviral IAP repeat-containing protein 4'
3 non-polymer 'ZINC ION'
#
loop_
_entity_poly.entity_id
_entity_poly.type
_entity_poly.pdbx_seq_one_letter_code
_entity_poly.pdbx_strand_id
1 'polypeptide(L)'
;GSMAAQRRSLLQSEQQPSWTDDLPLCHLSGVGSASNRSYSADGKGTESHPPEDSWLKFRSENNCFLYGVFNGYDGNRVTN
FVAQRLSAELLLGQLNAEHAEADVRRVLLQAFDVVERSFLESIDDALAEKASLQLERLKTLEREISGGAMAVVAVLLNNK
LYVANVGTNRALLCKSTVDGLQVTQLNVDHTTENEDELFRLSQLGLDAGKIKQVGIICGQESTRRIGDYKVKYGYTDIDL
LSAAKSKPIIAEPEIHGAQPLDGVTGFLVLMSEGLYKALEAAHGPGQANQEIAAMIDTEFAKQTSLDAVAQAVVDRVKRI
HSDTFASGGERARFCPRHEDMTLLVRNFGYPLG
;
A,C
2 'polypeptide(L)'
;GSHMKTCVPADINKEEEFVEEFNRLKTFANFPSGSPVSASTLARAGFLYTGEGDTVRCFSCHAAVDRWQYGDSAVGRHRK
VSPNCRFINGFYLEN
;
B,D
#
# COMPACT_ATOMS: atom_id res chain seq x y z
N THR A 20 -30.24 2.94 -39.00
CA THR A 20 -30.44 2.50 -37.59
C THR A 20 -29.25 2.87 -36.71
N ASP A 21 -28.11 2.25 -37.02
CA ASP A 21 -26.88 2.47 -36.29
C ASP A 21 -26.29 3.86 -36.53
N ASP A 22 -27.12 4.89 -36.37
CA ASP A 22 -26.68 6.26 -36.57
C ASP A 22 -27.23 7.26 -35.55
N LEU A 23 -26.60 7.28 -34.39
CA LEU A 23 -26.97 8.17 -33.31
C LEU A 23 -25.87 9.21 -33.22
N PRO A 24 -25.95 10.12 -32.25
CA PRO A 24 -24.90 11.15 -32.15
C PRO A 24 -23.51 10.55 -31.85
N LEU A 25 -22.48 11.03 -32.55
CA LEU A 25 -21.11 10.56 -32.33
C LEU A 25 -20.45 11.48 -31.29
N CYS A 26 -19.49 10.94 -30.53
CA CYS A 26 -18.77 11.74 -29.56
C CYS A 26 -17.86 12.74 -30.29
N HIS A 27 -17.62 13.89 -29.69
CA HIS A 27 -16.76 14.89 -30.31
C HIS A 27 -15.53 15.17 -29.47
N LEU A 28 -15.41 14.47 -28.35
CA LEU A 28 -14.28 14.65 -27.47
C LEU A 28 -13.47 13.37 -27.46
N SER A 29 -13.42 12.74 -28.63
CA SER A 29 -12.70 11.49 -28.79
C SER A 29 -12.15 11.31 -30.20
N GLY A 30 -10.87 10.99 -30.30
CA GLY A 30 -10.25 10.79 -31.60
C GLY A 30 -9.83 9.35 -31.81
N VAL A 31 -9.62 8.96 -33.07
CA VAL A 31 -9.20 7.60 -33.39
C VAL A 31 -8.18 7.56 -34.50
N GLY A 32 -7.21 6.68 -34.35
CA GLY A 32 -6.19 6.51 -35.37
C GLY A 32 -6.13 5.04 -35.71
N SER A 33 -5.85 4.70 -36.96
CA SER A 33 -5.76 3.30 -37.35
C SER A 33 -4.91 3.07 -38.58
N ALA A 34 -4.33 1.88 -38.66
CA ALA A 34 -3.51 1.49 -39.79
C ALA A 34 -3.68 0.00 -40.00
N SER A 35 -4.09 -0.40 -41.20
CA SER A 35 -4.29 -1.82 -41.49
C SER A 35 -3.02 -2.60 -41.24
N ASN A 36 -3.16 -3.91 -41.16
CA ASN A 36 -2.00 -4.75 -40.95
C ASN A 36 -1.16 -4.64 -42.22
N ARG A 37 0.09 -5.07 -42.15
CA ARG A 37 0.97 -5.03 -43.29
C ARG A 37 2.11 -6.02 -43.09
N SER A 38 2.54 -6.67 -44.17
CA SER A 38 3.64 -7.62 -44.07
C SER A 38 4.84 -7.11 -44.84
N TYR A 39 6.03 -7.44 -44.34
CA TYR A 39 7.26 -7.00 -44.98
C TYR A 39 7.82 -8.08 -45.89
N SER A 40 8.51 -7.63 -46.93
CA SER A 40 9.11 -8.51 -47.91
C SER A 40 10.63 -8.45 -47.72
N ALA A 41 11.30 -9.59 -47.79
CA ALA A 41 12.75 -9.64 -47.62
C ALA A 41 13.44 -8.46 -48.31
N ASP A 42 12.99 -8.15 -49.52
CA ASP A 42 13.58 -7.07 -50.30
C ASP A 42 13.62 -5.73 -49.57
N GLY A 43 12.90 -5.62 -48.47
CA GLY A 43 12.93 -4.37 -47.72
C GLY A 43 11.62 -3.63 -47.61
N LYS A 44 11.68 -2.33 -47.84
CA LYS A 44 10.53 -1.44 -47.76
C LYS A 44 9.25 -2.09 -48.30
N GLY A 45 9.41 -3.16 -49.05
CA GLY A 45 8.27 -3.86 -49.61
C GLY A 45 7.28 -4.26 -48.53
N THR A 46 6.01 -4.02 -48.81
CA THR A 46 4.93 -4.33 -47.87
C THR A 46 3.77 -4.99 -48.61
N GLU A 47 2.83 -5.53 -47.84
CA GLU A 47 1.65 -6.17 -48.44
C GLU A 47 0.43 -5.71 -47.67
N SER A 48 -0.52 -6.62 -47.47
CA SER A 48 -1.74 -6.33 -46.73
C SER A 48 -2.71 -7.51 -46.79
N HIS A 49 -3.76 -7.46 -45.97
CA HIS A 49 -4.77 -8.50 -45.91
C HIS A 49 -6.08 -7.87 -45.47
N PRO A 50 -7.19 -8.58 -45.64
CA PRO A 50 -8.47 -7.98 -45.22
C PRO A 50 -8.36 -7.50 -43.77
N PRO A 51 -8.66 -6.22 -43.52
CA PRO A 51 -8.60 -5.64 -42.18
C PRO A 51 -9.83 -5.95 -41.30
N GLU A 52 -9.58 -6.51 -40.12
CA GLU A 52 -10.67 -6.83 -39.22
C GLU A 52 -10.51 -6.22 -37.82
N ASP A 53 -10.81 -4.94 -37.74
CA ASP A 53 -10.73 -4.16 -36.53
C ASP A 53 -11.78 -3.08 -36.62
N SER A 54 -12.51 -2.82 -35.53
CA SER A 54 -13.51 -1.76 -35.54
C SER A 54 -13.52 -0.99 -34.21
N TRP A 55 -14.16 0.18 -34.21
CA TRP A 55 -14.25 0.98 -32.99
C TRP A 55 -15.61 1.61 -32.80
N LEU A 56 -15.81 2.21 -31.64
CA LEU A 56 -17.08 2.84 -31.30
C LEU A 56 -16.87 4.12 -30.55
N LYS A 57 -17.56 5.16 -30.97
CA LYS A 57 -17.43 6.41 -30.28
C LYS A 57 -18.76 7.16 -30.31
N PHE A 58 -19.80 6.52 -29.79
CA PHE A 58 -21.12 7.12 -29.75
C PHE A 58 -21.39 7.91 -28.48
N ARG A 59 -22.51 8.60 -28.48
CA ARG A 59 -22.93 9.41 -27.35
C ARG A 59 -24.46 9.40 -27.36
N SER A 60 -25.05 8.72 -26.37
CA SER A 60 -26.50 8.65 -26.28
C SER A 60 -27.11 10.05 -26.11
N GLU A 61 -28.29 10.24 -26.69
CA GLU A 61 -28.99 11.53 -26.61
C GLU A 61 -29.20 11.96 -25.16
N ASN A 62 -29.13 10.98 -24.24
CA ASN A 62 -29.31 11.25 -22.82
C ASN A 62 -27.97 11.57 -22.15
N ASN A 63 -26.98 11.90 -22.97
CA ASN A 63 -25.62 12.25 -22.52
C ASN A 63 -24.86 11.08 -21.88
N CYS A 64 -24.83 9.95 -22.58
CA CYS A 64 -24.12 8.77 -22.10
C CYS A 64 -23.07 8.39 -23.13
N PHE A 65 -21.83 8.18 -22.67
CA PHE A 65 -20.74 7.84 -23.59
C PHE A 65 -20.33 6.37 -23.66
N LEU A 66 -20.19 5.88 -24.89
CA LEU A 66 -19.82 4.49 -25.11
C LEU A 66 -18.68 4.38 -26.12
N TYR A 67 -17.50 3.93 -25.67
CA TYR A 67 -16.36 3.78 -26.57
C TYR A 67 -15.94 2.33 -26.64
N GLY A 68 -15.41 1.92 -27.78
CA GLY A 68 -14.96 0.53 -27.93
C GLY A 68 -13.94 0.29 -29.02
N VAL A 69 -13.23 -0.83 -28.90
CA VAL A 69 -12.23 -1.24 -29.89
C VAL A 69 -12.27 -2.78 -29.97
N PHE A 70 -12.69 -3.27 -31.13
CA PHE A 70 -12.82 -4.69 -31.35
C PHE A 70 -11.79 -5.20 -32.34
N ASN A 71 -10.86 -6.03 -31.88
CA ASN A 71 -9.86 -6.62 -32.76
C ASN A 71 -10.40 -7.98 -33.18
N GLY A 72 -10.67 -8.10 -34.47
CA GLY A 72 -11.20 -9.36 -34.96
C GLY A 72 -10.11 -10.24 -35.51
N TYR A 73 -10.47 -11.50 -35.73
CA TYR A 73 -9.56 -12.49 -36.27
C TYR A 73 -10.34 -13.44 -37.15
N ASP A 74 -9.68 -13.92 -38.20
CA ASP A 74 -10.32 -14.85 -39.12
C ASP A 74 -11.66 -14.32 -39.63
N GLY A 75 -11.62 -13.24 -40.41
CA GLY A 75 -12.85 -12.67 -40.93
C GLY A 75 -13.34 -11.49 -40.11
N ASN A 76 -13.88 -10.49 -40.82
CA ASN A 76 -14.40 -9.29 -40.18
C ASN A 76 -15.91 -9.36 -40.15
N ARG A 77 -16.45 -10.57 -40.25
CA ARG A 77 -17.88 -10.77 -40.22
C ARG A 77 -18.40 -10.66 -38.80
N VAL A 78 -17.48 -10.60 -37.83
CA VAL A 78 -17.86 -10.52 -36.43
C VAL A 78 -17.67 -9.13 -35.84
N THR A 79 -16.50 -8.55 -36.11
CA THR A 79 -16.20 -7.21 -35.60
C THR A 79 -17.26 -6.18 -36.00
N ASN A 80 -17.72 -6.26 -37.25
CA ASN A 80 -18.72 -5.34 -37.77
C ASN A 80 -20.13 -5.66 -37.27
N PHE A 81 -20.23 -6.66 -36.40
CA PHE A 81 -21.53 -7.04 -35.85
C PHE A 81 -21.60 -6.62 -34.39
N VAL A 82 -20.74 -7.20 -33.57
CA VAL A 82 -20.70 -6.88 -32.15
C VAL A 82 -20.68 -5.37 -31.98
N ALA A 83 -19.97 -4.68 -32.85
CA ALA A 83 -19.90 -3.24 -32.78
C ALA A 83 -21.33 -2.68 -32.69
N GLN A 84 -22.09 -2.84 -33.77
CA GLN A 84 -23.46 -2.33 -33.79
C GLN A 84 -24.37 -2.92 -32.71
N ARG A 85 -24.51 -4.25 -32.70
CA ARG A 85 -25.37 -4.93 -31.74
C ARG A 85 -25.15 -4.52 -30.28
N LEU A 86 -23.91 -4.26 -29.90
CA LEU A 86 -23.59 -3.86 -28.54
C LEU A 86 -24.27 -2.53 -28.28
N SER A 87 -24.17 -1.63 -29.26
CA SER A 87 -24.79 -0.31 -29.15
C SER A 87 -26.29 -0.39 -28.89
N ALA A 88 -26.98 -1.25 -29.64
CA ALA A 88 -28.41 -1.40 -29.46
C ALA A 88 -28.80 -1.77 -28.03
N GLU A 89 -28.03 -2.66 -27.41
CA GLU A 89 -28.30 -3.10 -26.04
C GLU A 89 -27.70 -2.21 -24.97
N LEU A 90 -27.27 -1.01 -25.33
CA LEU A 90 -26.68 -0.11 -24.33
C LEU A 90 -27.11 1.35 -24.45
N LEU A 91 -27.11 1.89 -25.65
CA LEU A 91 -27.46 3.29 -25.83
C LEU A 91 -28.92 3.58 -26.12
N LEU A 92 -29.76 2.55 -26.08
CA LEU A 92 -31.19 2.74 -26.33
C LEU A 92 -32.00 2.66 -25.06
N GLY A 93 -31.49 3.29 -24.00
CA GLY A 93 -32.19 3.28 -22.73
C GLY A 93 -31.53 2.48 -21.65
N GLN A 94 -31.60 1.15 -21.75
CA GLN A 94 -31.03 0.25 -20.74
C GLN A 94 -29.98 0.81 -19.80
N LEU A 95 -29.08 1.65 -20.29
CA LEU A 95 -28.04 2.20 -19.42
C LEU A 95 -28.30 3.68 -19.07
N ASN A 96 -28.85 4.42 -20.03
CA ASN A 96 -29.14 5.83 -19.81
C ASN A 96 -30.08 6.02 -18.62
N ALA A 97 -29.52 6.43 -17.48
CA ALA A 97 -30.31 6.65 -16.28
C ALA A 97 -29.40 6.88 -15.07
N GLU A 98 -30.05 7.05 -13.91
CA GLU A 98 -29.36 7.26 -12.64
C GLU A 98 -29.28 5.89 -11.98
N HIS A 99 -28.43 5.02 -12.52
CA HIS A 99 -28.25 3.67 -11.99
C HIS A 99 -27.14 3.61 -10.97
N ALA A 100 -27.14 2.52 -10.19
CA ALA A 100 -26.12 2.30 -9.18
C ALA A 100 -24.92 1.64 -9.83
N GLU A 101 -23.78 1.64 -9.14
CA GLU A 101 -22.57 1.04 -9.68
C GLU A 101 -22.87 -0.39 -10.13
N ALA A 102 -23.22 -1.24 -9.17
CA ALA A 102 -23.54 -2.64 -9.47
C ALA A 102 -24.62 -2.79 -10.54
N ASP A 103 -25.46 -1.78 -10.69
CA ASP A 103 -26.50 -1.82 -11.70
C ASP A 103 -25.88 -1.72 -13.09
N VAL A 104 -24.99 -0.73 -13.25
CA VAL A 104 -24.32 -0.51 -14.52
C VAL A 104 -23.57 -1.76 -14.92
N ARG A 105 -23.06 -2.49 -13.93
CA ARG A 105 -22.32 -3.72 -14.21
C ARG A 105 -23.29 -4.79 -14.71
N ARG A 106 -24.42 -4.90 -14.02
CA ARG A 106 -25.44 -5.89 -14.36
C ARG A 106 -25.96 -5.70 -15.78
N VAL A 107 -26.09 -4.46 -16.22
CA VAL A 107 -26.57 -4.19 -17.56
C VAL A 107 -25.59 -4.62 -18.64
N LEU A 108 -24.30 -4.33 -18.43
CA LEU A 108 -23.29 -4.72 -19.40
C LEU A 108 -23.28 -6.23 -19.52
N LEU A 109 -23.19 -6.88 -18.38
CA LEU A 109 -23.18 -8.33 -18.36
C LEU A 109 -24.29 -8.87 -19.25
N GLN A 110 -25.50 -8.37 -19.05
CA GLN A 110 -26.62 -8.82 -19.85
C GLN A 110 -26.43 -8.43 -21.31
N ALA A 111 -25.79 -7.28 -21.54
CA ALA A 111 -25.54 -6.82 -22.89
C ALA A 111 -24.59 -7.74 -23.66
N PHE A 112 -23.40 -7.98 -23.12
CA PHE A 112 -22.44 -8.84 -23.80
C PHE A 112 -23.04 -10.21 -24.07
N ASP A 113 -23.93 -10.65 -23.19
CA ASP A 113 -24.54 -11.96 -23.39
C ASP A 113 -25.47 -11.95 -24.59
N VAL A 114 -26.32 -10.94 -24.69
CA VAL A 114 -27.24 -10.84 -25.81
C VAL A 114 -26.51 -10.85 -27.16
N VAL A 115 -25.37 -10.18 -27.22
CA VAL A 115 -24.58 -10.15 -28.43
C VAL A 115 -24.11 -11.57 -28.76
N GLU A 116 -23.59 -12.27 -27.76
CA GLU A 116 -23.11 -13.64 -27.93
C GLU A 116 -24.22 -14.55 -28.45
N ARG A 117 -25.18 -14.88 -27.59
CA ARG A 117 -26.29 -15.75 -27.98
C ARG A 117 -26.89 -15.36 -29.34
N SER A 118 -27.04 -14.06 -29.60
CA SER A 118 -27.59 -13.61 -30.86
C SER A 118 -26.69 -14.02 -32.01
N PHE A 119 -25.40 -13.66 -31.90
CA PHE A 119 -24.41 -13.98 -32.93
C PHE A 119 -24.40 -15.47 -33.26
N LEU A 120 -24.42 -16.31 -32.25
CA LEU A 120 -24.41 -17.75 -32.47
C LEU A 120 -25.60 -18.16 -33.33
N GLU A 121 -26.76 -17.54 -33.09
CA GLU A 121 -27.96 -17.85 -33.86
C GLU A 121 -27.78 -17.34 -35.28
N SER A 122 -26.96 -16.29 -35.44
CA SER A 122 -26.72 -15.71 -36.74
C SER A 122 -26.07 -16.76 -37.63
N ILE A 123 -24.93 -17.25 -37.19
CA ILE A 123 -24.20 -18.28 -37.92
C ILE A 123 -25.07 -19.52 -38.00
N ASP A 124 -26.07 -19.45 -38.86
CA ASP A 124 -27.03 -20.53 -39.10
C ASP A 124 -27.58 -20.46 -40.51
N ASP A 125 -26.66 -20.57 -41.47
CA ASP A 125 -26.99 -20.53 -42.88
C ASP A 125 -26.64 -21.88 -43.52
N GLN A 134 -20.92 -24.88 -55.64
CA GLN A 134 -19.75 -25.73 -55.80
C GLN A 134 -19.38 -26.34 -54.45
N LEU A 135 -18.26 -27.06 -54.42
CA LEU A 135 -17.80 -27.69 -53.18
C LEU A 135 -17.09 -26.62 -52.36
N GLU A 136 -17.04 -25.42 -52.94
CA GLU A 136 -16.45 -24.24 -52.32
C GLU A 136 -17.22 -23.89 -51.05
N ARG A 137 -18.04 -24.83 -50.60
CA ARG A 137 -18.84 -24.66 -49.40
C ARG A 137 -18.02 -24.91 -48.14
N LEU A 138 -17.28 -26.02 -48.14
CA LEU A 138 -16.44 -26.35 -46.98
C LEU A 138 -15.46 -25.22 -46.76
N LYS A 139 -15.21 -24.46 -47.83
CA LYS A 139 -14.29 -23.34 -47.79
C LYS A 139 -14.84 -22.27 -46.84
N THR A 140 -16.12 -21.95 -47.00
CA THR A 140 -16.78 -20.94 -46.18
C THR A 140 -17.00 -21.42 -44.76
N LEU A 141 -17.55 -22.62 -44.62
CA LEU A 141 -17.82 -23.17 -43.31
C LEU A 141 -16.66 -22.98 -42.35
N GLU A 142 -15.54 -23.65 -42.59
CA GLU A 142 -14.39 -23.54 -41.72
C GLU A 142 -14.06 -22.10 -41.33
N ARG A 143 -14.58 -21.16 -42.10
CA ARG A 143 -14.36 -19.73 -41.85
C ARG A 143 -15.23 -19.20 -40.71
N GLU A 144 -16.51 -19.01 -41.01
CA GLU A 144 -17.45 -18.48 -40.03
C GLU A 144 -17.50 -19.28 -38.73
N ILE A 145 -17.21 -20.58 -38.81
CA ILE A 145 -17.23 -21.39 -37.60
C ILE A 145 -16.01 -21.08 -36.75
N SER A 146 -15.00 -20.47 -37.36
CA SER A 146 -13.78 -20.12 -36.63
C SER A 146 -13.59 -18.61 -36.54
N GLY A 147 -14.58 -17.85 -37.01
CA GLY A 147 -14.48 -16.40 -36.94
C GLY A 147 -14.77 -15.94 -35.53
N GLY A 148 -14.12 -14.87 -35.12
CA GLY A 148 -14.35 -14.36 -33.77
C GLY A 148 -13.78 -12.97 -33.62
N ALA A 149 -13.80 -12.46 -32.38
CA ALA A 149 -13.28 -11.13 -32.08
C ALA A 149 -13.17 -10.94 -30.58
N MET A 150 -12.34 -9.97 -30.20
CA MET A 150 -12.12 -9.63 -28.80
C MET A 150 -12.47 -8.16 -28.67
N ALA A 151 -12.89 -7.72 -27.49
CA ALA A 151 -13.27 -6.32 -27.34
C ALA A 151 -13.03 -5.68 -25.98
N VAL A 152 -12.88 -4.37 -26.01
CA VAL A 152 -12.72 -3.58 -24.82
C VAL A 152 -13.73 -2.48 -24.96
N VAL A 153 -14.54 -2.30 -23.93
CA VAL A 153 -15.57 -1.29 -23.98
C VAL A 153 -15.42 -0.37 -22.79
N ALA A 154 -15.54 0.92 -23.03
CA ALA A 154 -15.44 1.94 -21.98
C ALA A 154 -16.77 2.67 -21.94
N VAL A 155 -17.28 2.94 -20.75
CA VAL A 155 -18.55 3.64 -20.59
C VAL A 155 -18.43 4.80 -19.62
N LEU A 156 -19.09 5.90 -19.95
CA LEU A 156 -19.04 7.09 -19.11
C LEU A 156 -20.43 7.43 -18.59
N LEU A 157 -20.53 7.74 -17.31
CA LEU A 157 -21.81 8.09 -16.67
C LEU A 157 -21.58 8.92 -15.41
N ASN A 158 -21.57 10.25 -15.54
CA ASN A 158 -21.35 11.13 -14.39
C ASN A 158 -19.92 11.05 -13.87
N ASN A 159 -18.95 11.31 -14.73
CA ASN A 159 -17.56 11.26 -14.32
C ASN A 159 -17.15 9.94 -13.69
N LYS A 160 -17.94 8.89 -13.94
CA LYS A 160 -17.62 7.57 -13.43
C LYS A 160 -17.32 6.76 -14.67
N LEU A 161 -16.15 6.13 -14.69
CA LEU A 161 -15.72 5.32 -15.82
C LEU A 161 -15.87 3.82 -15.55
N TYR A 162 -16.34 3.11 -16.57
CA TYR A 162 -16.51 1.66 -16.48
C TYR A 162 -15.80 1.02 -17.66
N VAL A 163 -15.10 -0.07 -17.39
CA VAL A 163 -14.38 -0.76 -18.44
C VAL A 163 -14.78 -2.23 -18.45
N ALA A 164 -15.35 -2.68 -19.55
CA ALA A 164 -15.75 -4.08 -19.72
C ALA A 164 -14.68 -4.65 -20.65
N ASN A 165 -14.19 -5.85 -20.34
CA ASN A 165 -13.12 -6.42 -21.16
C ASN A 165 -13.19 -7.91 -21.46
N VAL A 166 -12.93 -8.24 -22.74
CA VAL A 166 -12.91 -9.62 -23.22
C VAL A 166 -11.76 -9.79 -24.21
N GLY A 167 -10.64 -10.30 -23.74
CA GLY A 167 -9.52 -10.49 -24.64
C GLY A 167 -8.22 -9.84 -24.19
N THR A 168 -7.38 -9.49 -25.16
CA THR A 168 -6.08 -8.89 -24.90
C THR A 168 -5.93 -7.42 -25.28
N ASN A 169 -7.04 -6.71 -25.49
CA ASN A 169 -6.94 -5.30 -25.83
C ASN A 169 -6.72 -4.54 -24.53
N ARG A 170 -5.95 -3.45 -24.57
CA ARG A 170 -5.71 -2.68 -23.36
C ARG A 170 -6.43 -1.37 -23.27
N ALA A 171 -6.68 -0.95 -22.04
CA ALA A 171 -7.36 0.30 -21.74
C ALA A 171 -6.57 0.99 -20.63
N LEU A 172 -6.07 2.20 -20.91
CA LEU A 172 -5.28 2.92 -19.93
C LEU A 172 -5.89 4.25 -19.55
N LEU A 173 -5.73 4.61 -18.27
CA LEU A 173 -6.21 5.89 -17.78
C LEU A 173 -4.94 6.67 -17.49
N CYS A 174 -4.88 7.90 -17.98
CA CYS A 174 -3.70 8.74 -17.77
C CYS A 174 -4.00 10.06 -17.10
N LYS A 175 -3.72 10.13 -15.80
CA LYS A 175 -3.95 11.32 -14.98
C LYS A 175 -2.68 12.17 -14.98
N SER A 176 -2.86 13.49 -15.05
CA SER A 176 -1.70 14.40 -15.04
C SER A 176 -1.30 14.70 -13.60
N THR A 177 -0.12 14.23 -13.22
CA THR A 177 0.43 14.43 -11.87
C THR A 177 1.31 15.66 -11.84
N VAL A 178 1.39 16.33 -10.70
CA VAL A 178 2.24 17.50 -10.59
C VAL A 178 3.66 17.01 -10.37
N ASP A 179 3.86 15.71 -10.62
CA ASP A 179 5.16 15.08 -10.46
C ASP A 179 5.39 14.10 -11.61
N GLY A 180 4.67 14.32 -12.70
CA GLY A 180 4.80 13.47 -13.88
C GLY A 180 3.43 13.10 -14.44
N LEU A 181 3.41 12.10 -15.32
CA LEU A 181 2.15 11.66 -15.89
C LEU A 181 1.88 10.25 -15.40
N GLN A 182 0.79 10.09 -14.66
CA GLN A 182 0.44 8.78 -14.12
C GLN A 182 -0.21 7.88 -15.16
N VAL A 183 0.27 6.65 -15.28
CA VAL A 183 -0.32 5.71 -16.22
C VAL A 183 -0.65 4.41 -15.52
N THR A 184 -1.92 4.03 -15.60
CA THR A 184 -2.39 2.80 -15.00
C THR A 184 -3.37 2.10 -15.94
N GLN A 185 -3.11 0.81 -16.19
CA GLN A 185 -3.95 -0.01 -17.06
C GLN A 185 -5.18 -0.46 -16.28
N LEU A 186 -6.36 -0.18 -16.79
CA LEU A 186 -7.59 -0.53 -16.10
C LEU A 186 -8.01 -1.97 -16.22
N ASN A 187 -7.59 -2.64 -17.30
CA ASN A 187 -8.00 -4.03 -17.51
C ASN A 187 -6.87 -5.03 -17.37
N VAL A 188 -7.22 -6.31 -17.53
CA VAL A 188 -6.27 -7.42 -17.43
C VAL A 188 -6.22 -8.22 -18.73
N ASP A 189 -5.03 -8.63 -19.14
CA ASP A 189 -4.88 -9.41 -20.37
C ASP A 189 -5.31 -10.85 -20.15
N HIS A 190 -6.32 -11.29 -20.89
CA HIS A 190 -6.84 -12.67 -20.78
C HIS A 190 -6.01 -13.66 -21.60
N THR A 191 -4.78 -13.87 -21.16
CA THR A 191 -3.89 -14.78 -21.84
C THR A 191 -3.60 -15.95 -20.92
N THR A 192 -2.74 -16.84 -21.38
CA THR A 192 -2.37 -18.02 -20.60
C THR A 192 -1.33 -17.67 -19.55
N GLU A 193 -0.88 -16.43 -19.55
CA GLU A 193 0.10 -16.00 -18.56
C GLU A 193 -0.61 -15.37 -17.36
N ASN A 194 -1.94 -15.39 -17.41
CA ASN A 194 -2.75 -14.81 -16.36
C ASN A 194 -3.01 -15.81 -15.23
N GLU A 195 -2.33 -15.58 -14.11
CA GLU A 195 -2.46 -16.42 -12.93
C GLU A 195 -3.92 -16.74 -12.65
N ASP A 196 -4.79 -15.75 -12.79
CA ASP A 196 -6.21 -15.94 -12.54
C ASP A 196 -6.87 -16.74 -13.64
N GLU A 197 -6.62 -16.37 -14.89
CA GLU A 197 -7.22 -17.07 -16.02
C GLU A 197 -6.83 -18.54 -16.00
N LEU A 198 -5.58 -18.80 -15.65
CA LEU A 198 -5.10 -20.17 -15.60
C LEU A 198 -5.85 -20.93 -14.55
N PHE A 199 -5.93 -20.37 -13.35
CA PHE A 199 -6.64 -21.02 -12.26
C PHE A 199 -8.07 -21.34 -12.63
N ARG A 200 -8.72 -20.42 -13.34
CA ARG A 200 -10.10 -20.64 -13.78
C ARG A 200 -10.18 -21.87 -14.67
N LEU A 201 -9.20 -22.01 -15.57
CA LEU A 201 -9.16 -23.16 -16.45
C LEU A 201 -8.81 -24.43 -15.69
N SER A 202 -8.09 -24.28 -14.59
CA SER A 202 -7.69 -25.41 -13.77
C SER A 202 -8.91 -25.96 -13.07
N GLN A 203 -9.70 -25.07 -12.48
CA GLN A 203 -10.91 -25.51 -11.78
C GLN A 203 -11.87 -26.19 -12.76
N LEU A 204 -11.66 -25.95 -14.05
CA LEU A 204 -12.49 -26.57 -15.09
C LEU A 204 -12.01 -27.98 -15.33
N GLY A 205 -10.83 -28.30 -14.79
CA GLY A 205 -10.29 -29.64 -14.94
C GLY A 205 -9.11 -29.79 -15.88
N LEU A 206 -8.59 -28.71 -16.43
CA LEU A 206 -7.46 -28.81 -17.34
C LEU A 206 -6.16 -28.71 -16.55
N ASP A 207 -5.04 -28.91 -17.24
CA ASP A 207 -3.73 -28.84 -16.61
C ASP A 207 -3.11 -27.44 -16.79
N ALA A 208 -2.73 -26.82 -15.68
CA ALA A 208 -2.13 -25.50 -15.74
C ALA A 208 -0.84 -25.58 -16.55
N GLY A 209 0.20 -26.12 -15.91
CA GLY A 209 1.49 -26.24 -16.56
C GLY A 209 1.46 -26.49 -18.04
N LYS A 210 0.68 -27.49 -18.47
CA LYS A 210 0.61 -27.81 -19.89
C LYS A 210 0.01 -26.68 -20.71
N ILE A 211 -1.07 -26.08 -20.23
CA ILE A 211 -1.67 -24.99 -20.98
C ILE A 211 -0.74 -23.79 -21.02
N LYS A 212 -0.18 -23.42 -19.88
CA LYS A 212 0.74 -22.28 -19.82
C LYS A 212 1.96 -22.55 -20.71
N GLN A 213 2.31 -23.82 -20.85
CA GLN A 213 3.47 -24.24 -21.65
C GLN A 213 3.32 -23.96 -23.14
N VAL A 214 2.22 -24.41 -23.72
CA VAL A 214 1.95 -24.21 -25.14
C VAL A 214 1.70 -22.72 -25.38
N GLY A 215 1.04 -22.08 -24.42
CA GLY A 215 0.75 -20.66 -24.52
C GLY A 215 -0.20 -20.28 -25.64
N ILE A 216 -0.70 -21.28 -26.36
CA ILE A 216 -1.64 -21.02 -27.44
C ILE A 216 -2.76 -22.04 -27.47
N ILE A 217 -3.97 -21.57 -27.75
CA ILE A 217 -5.12 -22.44 -27.82
C ILE A 217 -5.94 -22.08 -29.04
N CYS A 218 -5.81 -22.90 -30.07
CA CYS A 218 -6.51 -22.68 -31.33
C CYS A 218 -6.01 -21.43 -32.01
N GLY A 219 -4.74 -21.42 -32.36
CA GLY A 219 -4.15 -20.26 -33.02
C GLY A 219 -4.17 -18.99 -32.17
N GLN A 220 -5.10 -18.94 -31.22
CA GLN A 220 -5.23 -17.77 -30.34
C GLN A 220 -4.55 -17.98 -29.00
N GLU A 221 -4.18 -16.85 -28.39
CA GLU A 221 -3.51 -16.81 -27.11
C GLU A 221 -4.51 -16.34 -26.06
N SER A 222 -5.59 -15.73 -26.54
CA SER A 222 -6.64 -15.20 -25.67
C SER A 222 -7.44 -16.35 -25.08
N THR A 223 -7.79 -16.22 -23.81
CA THR A 223 -8.56 -17.25 -23.14
C THR A 223 -10.04 -16.91 -23.04
N ARG A 224 -10.42 -15.79 -23.66
CA ARG A 224 -11.81 -15.34 -23.70
C ARG A 224 -12.02 -14.60 -25.01
N ARG A 225 -13.13 -14.87 -25.68
CA ARG A 225 -13.41 -14.20 -26.93
C ARG A 225 -14.85 -14.39 -27.38
N ILE A 226 -15.32 -13.48 -28.22
CA ILE A 226 -16.69 -13.54 -28.73
C ILE A 226 -16.78 -14.35 -30.01
N GLY A 227 -17.86 -15.09 -30.17
CA GLY A 227 -18.04 -15.90 -31.36
C GLY A 227 -17.21 -17.18 -31.28
N ASP A 228 -16.60 -17.57 -32.41
CA ASP A 228 -15.78 -18.77 -32.44
C ASP A 228 -16.63 -19.99 -32.09
N TYR A 229 -17.61 -20.27 -32.94
CA TYR A 229 -18.51 -21.41 -32.72
C TYR A 229 -17.75 -22.70 -32.46
N LYS A 230 -16.69 -22.92 -33.25
CA LYS A 230 -15.87 -24.12 -33.13
C LYS A 230 -15.46 -24.48 -31.71
N VAL A 231 -14.63 -23.65 -31.07
CA VAL A 231 -14.16 -23.95 -29.73
C VAL A 231 -15.20 -23.77 -28.63
N LYS A 232 -16.25 -23.02 -28.91
CA LYS A 232 -17.27 -22.80 -27.89
C LYS A 232 -18.20 -24.02 -27.74
N TYR A 233 -18.45 -24.74 -28.82
CA TYR A 233 -19.32 -25.91 -28.76
C TYR A 233 -18.58 -27.23 -28.95
N GLY A 234 -17.44 -27.19 -29.62
CA GLY A 234 -16.70 -28.42 -29.85
C GLY A 234 -15.36 -28.51 -29.12
N TYR A 235 -15.18 -27.70 -28.10
CA TYR A 235 -13.93 -27.71 -27.36
C TYR A 235 -13.62 -29.14 -26.94
N THR A 236 -14.66 -29.92 -26.73
CA THR A 236 -14.50 -31.31 -26.32
C THR A 236 -13.69 -32.14 -27.31
N ASP A 237 -13.63 -31.70 -28.56
CA ASP A 237 -12.88 -32.44 -29.57
C ASP A 237 -11.50 -31.88 -29.86
N ILE A 238 -10.91 -31.21 -28.87
CA ILE A 238 -9.59 -30.63 -29.01
C ILE A 238 -8.69 -31.15 -27.90
N ASP A 239 -7.69 -31.96 -28.26
CA ASP A 239 -6.79 -32.58 -27.31
C ASP A 239 -6.46 -31.78 -26.04
N LEU A 240 -6.17 -30.49 -26.19
CA LEU A 240 -5.83 -29.67 -25.03
C LEU A 240 -7.02 -29.36 -24.10
N LEU A 241 -8.22 -29.24 -24.66
CA LEU A 241 -9.41 -28.92 -23.88
C LEU A 241 -10.33 -30.13 -23.62
N SER A 242 -9.88 -31.31 -24.02
CA SER A 242 -10.63 -32.54 -23.85
C SER A 242 -11.40 -32.65 -22.52
N ALA A 243 -10.70 -32.54 -21.40
CA ALA A 243 -11.31 -32.64 -20.08
C ALA A 243 -11.84 -31.29 -19.57
N ALA A 244 -13.15 -31.09 -19.63
CA ALA A 244 -13.71 -29.83 -19.18
C ALA A 244 -15.20 -29.87 -18.93
N LYS A 245 -15.57 -29.67 -17.69
CA LYS A 245 -16.97 -29.67 -17.28
C LYS A 245 -17.73 -28.50 -17.94
N SER A 246 -17.00 -27.47 -18.37
CA SER A 246 -17.63 -26.32 -19.02
C SER A 246 -16.73 -25.68 -20.07
N LYS A 247 -17.25 -24.70 -20.80
CA LYS A 247 -16.44 -24.07 -21.83
C LYS A 247 -15.18 -23.43 -21.26
N PRO A 248 -14.01 -23.84 -21.77
CA PRO A 248 -12.72 -23.32 -21.33
C PRO A 248 -12.55 -21.89 -21.82
N ILE A 249 -13.06 -21.63 -23.02
CA ILE A 249 -12.97 -20.29 -23.62
C ILE A 249 -14.36 -19.69 -23.56
N ILE A 250 -14.51 -18.77 -22.62
CA ILE A 250 -15.79 -18.12 -22.42
C ILE A 250 -15.78 -16.68 -22.94
N ALA A 251 -16.97 -16.10 -23.06
CA ALA A 251 -17.11 -14.74 -23.56
C ALA A 251 -17.54 -13.74 -22.49
N GLU A 252 -17.74 -14.20 -21.26
CA GLU A 252 -18.15 -13.29 -20.21
C GLU A 252 -17.04 -12.27 -20.01
N PRO A 253 -17.41 -10.97 -20.01
CA PRO A 253 -16.45 -9.87 -19.83
C PRO A 253 -16.11 -9.57 -18.37
N GLU A 254 -14.96 -8.94 -18.17
CA GLU A 254 -14.51 -8.60 -16.83
C GLU A 254 -14.73 -7.10 -16.65
N ILE A 255 -15.74 -6.74 -15.85
CA ILE A 255 -16.08 -5.35 -15.61
C ILE A 255 -15.23 -4.74 -14.51
N HIS A 256 -14.90 -3.46 -14.63
CA HIS A 256 -14.07 -2.83 -13.63
C HIS A 256 -14.75 -1.67 -12.94
N GLY A 257 -15.09 -1.91 -11.66
CA GLY A 257 -15.75 -0.94 -10.82
C GLY A 257 -15.60 0.50 -11.24
N ALA A 258 -16.67 1.28 -11.12
CA ALA A 258 -16.62 2.67 -11.51
C ALA A 258 -15.33 3.38 -11.03
N GLN A 259 -14.83 4.28 -11.89
CA GLN A 259 -13.65 5.09 -11.61
C GLN A 259 -14.06 6.55 -11.42
N PRO A 260 -13.60 7.18 -10.32
CA PRO A 260 -13.93 8.58 -10.06
C PRO A 260 -13.15 9.52 -11.00
N LEU A 261 -13.87 10.26 -11.83
CA LEU A 261 -13.24 11.17 -12.77
C LEU A 261 -13.57 12.63 -12.55
N ASP A 262 -14.03 12.97 -11.35
CA ASP A 262 -14.41 14.35 -11.09
C ASP A 262 -13.25 15.32 -11.17
N GLY A 263 -12.31 15.21 -10.22
CA GLY A 263 -11.18 16.12 -10.22
C GLY A 263 -10.05 15.76 -11.17
N VAL A 264 -10.20 14.65 -11.89
CA VAL A 264 -9.16 14.20 -12.80
C VAL A 264 -8.94 15.12 -13.98
N THR A 265 -7.76 15.00 -14.57
CA THR A 265 -7.37 15.82 -15.71
C THR A 265 -6.33 15.07 -16.54
N GLY A 266 -6.80 14.37 -17.57
CA GLY A 266 -5.91 13.61 -18.41
C GLY A 266 -6.67 13.03 -19.60
N PHE A 267 -6.45 11.74 -19.88
CA PHE A 267 -7.15 11.14 -20.99
C PHE A 267 -7.23 9.63 -20.90
N LEU A 268 -8.20 9.09 -21.63
CA LEU A 268 -8.48 7.67 -21.67
C LEU A 268 -7.92 7.07 -22.97
N VAL A 269 -7.31 5.89 -22.87
CA VAL A 269 -6.76 5.24 -24.04
C VAL A 269 -7.25 3.82 -24.19
N LEU A 270 -7.75 3.54 -25.38
CA LEU A 270 -8.23 2.22 -25.73
C LEU A 270 -7.41 1.84 -26.94
N MET A 271 -6.61 0.79 -26.84
CA MET A 271 -5.79 0.41 -27.99
C MET A 271 -5.87 -1.08 -28.25
N SER A 272 -5.84 -1.45 -29.53
CA SER A 272 -5.88 -2.85 -29.96
C SER A 272 -4.56 -3.57 -29.68
N GLU A 273 -4.64 -4.90 -29.63
CA GLU A 273 -3.44 -5.69 -29.39
C GLU A 273 -2.38 -5.32 -30.40
N GLY A 274 -2.71 -5.48 -31.67
CA GLY A 274 -1.78 -5.15 -32.75
C GLY A 274 -0.87 -3.96 -32.54
N LEU A 275 -1.34 -2.97 -31.80
CA LEU A 275 -0.54 -1.78 -31.54
C LEU A 275 0.50 -2.02 -30.47
N TYR A 276 0.07 -2.19 -29.23
CA TYR A 276 1.04 -2.39 -28.16
C TYR A 276 1.87 -3.63 -28.44
N LYS A 277 1.40 -4.48 -29.35
CA LYS A 277 2.13 -5.69 -29.67
C LYS A 277 3.34 -5.38 -30.54
N ALA A 278 3.16 -4.45 -31.46
CA ALA A 278 4.25 -4.06 -32.35
C ALA A 278 5.28 -3.30 -31.54
N LEU A 279 4.85 -2.24 -30.90
CA LEU A 279 5.76 -1.44 -30.11
C LEU A 279 6.63 -2.31 -29.23
N GLU A 280 6.03 -3.35 -28.67
CA GLU A 280 6.74 -4.26 -27.77
C GLU A 280 7.79 -5.09 -28.51
N ALA A 281 7.46 -5.53 -29.72
CA ALA A 281 8.38 -6.34 -30.51
C ALA A 281 9.66 -5.61 -30.88
N ALA A 282 9.56 -4.31 -31.08
CA ALA A 282 10.72 -3.50 -31.44
C ALA A 282 11.55 -3.15 -30.21
N HIS A 283 11.02 -2.24 -29.40
CA HIS A 283 11.70 -1.80 -28.18
C HIS A 283 11.97 -2.91 -27.15
N GLY A 284 10.98 -3.77 -26.91
CA GLY A 284 11.18 -4.83 -25.94
C GLY A 284 9.99 -4.94 -25.00
N PRO A 285 9.78 -6.12 -24.39
CA PRO A 285 8.66 -6.37 -23.47
C PRO A 285 8.61 -5.41 -22.30
N GLY A 286 7.39 -5.12 -21.84
CA GLY A 286 7.20 -4.22 -20.72
C GLY A 286 7.48 -2.79 -21.09
N GLN A 287 7.24 -1.88 -20.17
CA GLN A 287 7.48 -0.45 -20.41
C GLN A 287 6.82 0.08 -21.68
N ALA A 288 5.85 -0.67 -22.21
CA ALA A 288 5.13 -0.29 -23.43
C ALA A 288 4.00 0.70 -23.16
N ASN A 289 3.22 0.44 -22.11
CA ASN A 289 2.11 1.32 -21.74
C ASN A 289 2.59 2.76 -21.51
N GLN A 290 3.67 2.92 -20.77
CA GLN A 290 4.20 4.26 -20.49
C GLN A 290 4.68 4.91 -21.78
N GLU A 291 5.50 4.19 -22.55
CA GLU A 291 6.03 4.74 -23.80
C GLU A 291 4.93 5.21 -24.73
N ILE A 292 3.90 4.38 -24.93
CA ILE A 292 2.77 4.76 -25.77
C ILE A 292 2.14 6.04 -25.20
N ALA A 293 1.91 6.04 -23.89
CA ALA A 293 1.31 7.18 -23.22
C ALA A 293 2.21 8.37 -23.40
N ALA A 294 3.50 8.17 -23.24
CA ALA A 294 4.48 9.24 -23.38
C ALA A 294 4.33 9.88 -24.74
N MET A 295 4.21 9.06 -25.78
CA MET A 295 4.04 9.55 -27.15
C MET A 295 2.76 10.36 -27.27
N ILE A 296 1.64 9.79 -26.81
CA ILE A 296 0.36 10.49 -26.89
C ILE A 296 0.46 11.87 -26.23
N ASP A 297 1.35 12.00 -25.26
CA ASP A 297 1.54 13.26 -24.55
C ASP A 297 2.11 14.30 -25.49
N THR A 298 3.27 13.99 -26.06
CA THR A 298 3.94 14.90 -26.99
C THR A 298 3.00 15.34 -28.11
N GLU A 299 2.62 14.38 -28.95
CA GLU A 299 1.74 14.67 -30.07
C GLU A 299 0.50 15.46 -29.67
N PHE A 300 0.18 15.49 -28.37
CA PHE A 300 -0.99 16.21 -27.88
C PHE A 300 -0.81 17.72 -27.93
N ALA A 301 0.44 18.15 -27.86
CA ALA A 301 0.75 19.56 -27.87
C ALA A 301 1.19 19.98 -29.26
N LYS A 302 1.08 19.05 -30.21
CA LYS A 302 1.50 19.30 -31.58
C LYS A 302 0.39 19.00 -32.56
N GLN A 303 -0.86 19.12 -32.14
CA GLN A 303 -1.95 18.83 -33.07
C GLN A 303 -3.17 19.69 -32.84
N THR A 304 -3.99 19.76 -33.89
CA THR A 304 -5.20 20.55 -33.88
C THR A 304 -6.41 19.73 -33.45
N SER A 305 -6.44 18.46 -33.82
CA SER A 305 -7.53 17.54 -33.49
C SER A 305 -7.06 16.26 -32.79
N LEU A 306 -7.95 15.61 -32.06
CA LEU A 306 -7.59 14.36 -31.41
C LEU A 306 -7.21 13.37 -32.48
N ASP A 307 -8.11 13.16 -33.44
CA ASP A 307 -7.86 12.22 -34.53
C ASP A 307 -6.43 12.36 -35.00
N ALA A 308 -5.97 13.60 -35.13
CA ALA A 308 -4.61 13.87 -35.54
C ALA A 308 -3.67 13.31 -34.47
N VAL A 309 -3.93 13.66 -33.21
CA VAL A 309 -3.11 13.19 -32.10
C VAL A 309 -2.97 11.68 -32.25
N ALA A 310 -4.12 11.02 -32.29
CA ALA A 310 -4.20 9.58 -32.42
C ALA A 310 -3.37 9.06 -33.59
N GLN A 311 -3.83 9.37 -34.79
CA GLN A 311 -3.16 8.92 -36.00
C GLN A 311 -1.66 9.12 -35.93
N ALA A 312 -1.25 10.29 -35.43
CA ALA A 312 0.16 10.60 -35.31
C ALA A 312 0.93 9.50 -34.60
N VAL A 313 0.42 9.08 -33.44
CA VAL A 313 1.06 8.02 -32.66
C VAL A 313 1.08 6.68 -33.39
N VAL A 314 -0.02 6.35 -34.07
CA VAL A 314 -0.13 5.11 -34.81
C VAL A 314 0.91 5.11 -35.92
N ASP A 315 1.07 6.27 -36.56
CA ASP A 315 2.05 6.42 -37.62
C ASP A 315 3.43 6.27 -37.04
N ARG A 316 3.67 7.01 -35.96
CA ARG A 316 4.95 6.97 -35.28
C ARG A 316 5.31 5.51 -34.96
N VAL A 317 4.36 4.77 -34.39
CA VAL A 317 4.64 3.39 -34.04
C VAL A 317 4.85 2.56 -35.29
N LYS A 318 4.00 2.79 -36.30
CA LYS A 318 4.12 2.06 -37.56
C LYS A 318 5.52 2.29 -38.08
N ARG A 319 6.00 3.54 -37.99
CA ARG A 319 7.35 3.88 -38.45
C ARG A 319 8.37 3.04 -37.67
N ILE A 320 8.45 3.26 -36.36
CA ILE A 320 9.37 2.52 -35.48
C ILE A 320 9.48 1.04 -35.84
N HIS A 321 8.37 0.44 -36.26
CA HIS A 321 8.36 -0.96 -36.61
C HIS A 321 9.15 -1.25 -37.88
N SER A 322 8.78 -0.59 -38.97
CA SER A 322 9.43 -0.74 -40.26
C SER A 322 10.92 -0.46 -40.15
N ASP A 323 11.26 0.67 -39.55
CA ASP A 323 12.66 1.02 -39.38
C ASP A 323 13.40 -0.11 -38.71
N THR A 324 12.91 -0.54 -37.55
CA THR A 324 13.54 -1.63 -36.83
C THR A 324 13.89 -2.82 -37.75
N PHE A 325 12.91 -3.26 -38.53
CA PHE A 325 13.11 -4.39 -39.45
C PHE A 325 14.15 -4.08 -40.51
N ALA A 326 14.06 -2.88 -41.09
CA ALA A 326 14.98 -2.44 -42.12
C ALA A 326 16.37 -2.35 -41.53
N SER A 327 16.54 -1.40 -40.62
CA SER A 327 17.81 -1.19 -39.96
C SER A 327 17.95 -2.32 -38.95
N GLY A 328 17.70 -3.54 -39.40
CA GLY A 328 17.79 -4.68 -38.54
C GLY A 328 19.09 -4.86 -37.79
N GLY A 329 19.04 -5.63 -36.71
CA GLY A 329 20.21 -5.90 -35.91
C GLY A 329 19.96 -7.08 -35.00
N GLU A 330 19.36 -6.81 -33.86
CA GLU A 330 19.04 -7.84 -32.87
C GLU A 330 17.54 -8.05 -32.80
N ARG A 331 16.80 -6.98 -32.55
CA ARG A 331 15.34 -7.05 -32.47
C ARG A 331 14.71 -7.18 -33.85
N ALA A 332 15.54 -7.14 -34.88
CA ALA A 332 15.08 -7.26 -36.26
C ALA A 332 14.26 -8.55 -36.48
N ARG A 333 14.71 -9.64 -35.87
CA ARG A 333 14.06 -10.94 -36.01
C ARG A 333 12.71 -11.03 -35.30
N PHE A 334 12.08 -9.89 -35.03
CA PHE A 334 10.79 -9.89 -34.35
C PHE A 334 9.78 -9.01 -35.07
N CYS A 335 10.13 -8.57 -36.27
CA CYS A 335 9.23 -7.69 -36.99
C CYS A 335 8.98 -8.08 -38.44
N PRO A 336 8.71 -9.36 -38.70
CA PRO A 336 8.45 -9.77 -40.09
C PRO A 336 7.26 -9.00 -40.66
N ARG A 337 6.39 -8.55 -39.77
CA ARG A 337 5.18 -7.78 -40.13
C ARG A 337 4.44 -7.32 -38.87
N HIS A 338 3.22 -6.81 -39.05
CA HIS A 338 2.41 -6.40 -37.93
C HIS A 338 0.92 -6.39 -38.29
N GLU A 339 0.09 -6.70 -37.29
CA GLU A 339 -1.35 -6.78 -37.42
C GLU A 339 -2.01 -5.41 -37.37
N ASP A 340 -3.31 -5.38 -37.64
CA ASP A 340 -4.06 -4.13 -37.60
C ASP A 340 -3.74 -3.37 -36.31
N MET A 341 -3.73 -2.05 -36.39
CA MET A 341 -3.44 -1.24 -35.22
C MET A 341 -4.56 -0.22 -35.10
N THR A 342 -5.14 -0.14 -33.91
CA THR A 342 -6.22 0.80 -33.67
C THR A 342 -5.97 1.50 -32.35
N LEU A 343 -6.15 2.81 -32.35
CA LEU A 343 -5.97 3.60 -31.14
C LEU A 343 -7.11 4.59 -31.00
N LEU A 344 -7.72 4.62 -29.82
CA LEU A 344 -8.83 5.51 -29.54
C LEU A 344 -8.47 6.37 -28.34
N VAL A 345 -8.64 7.67 -28.48
CA VAL A 345 -8.30 8.60 -27.40
C VAL A 345 -9.46 9.50 -26.98
N ARG A 346 -9.73 9.54 -25.69
CA ARG A 346 -10.82 10.35 -25.17
C ARG A 346 -10.28 11.34 -24.16
N ASN A 347 -10.13 12.58 -24.62
CA ASN A 347 -9.60 13.66 -23.80
C ASN A 347 -10.42 13.97 -22.55
N PHE A 348 -9.73 14.28 -21.46
CA PHE A 348 -10.36 14.62 -20.18
C PHE A 348 -9.83 15.94 -19.65
N GLY A 349 -9.98 17.01 -20.43
CA GLY A 349 -9.50 18.31 -20.01
C GLY A 349 -8.01 18.53 -20.19
N TYR A 350 -7.36 17.70 -21.01
CA TYR A 350 -5.93 17.84 -21.26
C TYR A 350 -5.72 18.92 -22.34
N PRO A 351 -4.68 19.76 -22.18
CA PRO A 351 -4.39 20.85 -23.13
C PRO A 351 -4.06 20.42 -24.57
N LEU A 352 -5.00 20.63 -25.48
CA LEU A 352 -4.83 20.26 -26.89
C LEU A 352 -3.87 21.18 -27.62
N GLY A 353 -4.06 22.49 -27.42
CA GLY A 353 -3.21 23.47 -28.07
C GLY A 353 -1.81 23.55 -27.48
N GLU B 17 -22.03 -21.98 3.19
CA GLU B 17 -22.84 -21.34 2.11
C GLU B 17 -21.92 -20.68 1.09
N PHE B 18 -20.99 -19.87 1.58
CA PHE B 18 -20.04 -19.19 0.72
C PHE B 18 -19.19 -20.18 -0.10
N VAL B 19 -19.54 -21.44 -0.05
CA VAL B 19 -18.83 -22.43 -0.80
C VAL B 19 -19.22 -22.17 -2.24
N GLU B 20 -20.48 -21.76 -2.43
CA GLU B 20 -21.02 -21.47 -3.74
C GLU B 20 -20.46 -20.15 -4.24
N GLU B 21 -19.84 -20.18 -5.41
CA GLU B 21 -19.25 -18.99 -5.99
C GLU B 21 -20.21 -17.83 -6.18
N PHE B 22 -21.44 -18.12 -6.62
CA PHE B 22 -22.39 -17.02 -6.83
C PHE B 22 -22.64 -16.19 -5.58
N ASN B 23 -22.74 -16.85 -4.43
CA ASN B 23 -22.99 -16.14 -3.18
C ASN B 23 -21.85 -15.18 -2.89
N ARG B 24 -20.62 -15.69 -2.95
CA ARG B 24 -19.43 -14.87 -2.67
C ARG B 24 -19.48 -13.59 -3.50
N LEU B 25 -19.88 -13.71 -4.76
CA LEU B 25 -19.96 -12.56 -5.64
C LEU B 25 -20.95 -11.57 -5.09
N LYS B 26 -22.08 -12.04 -4.60
CA LYS B 26 -23.11 -11.15 -4.07
C LYS B 26 -22.60 -10.24 -2.97
N THR B 27 -21.62 -10.68 -2.19
CA THR B 27 -21.13 -9.82 -1.11
C THR B 27 -20.28 -8.65 -1.60
N PHE B 28 -20.19 -8.44 -2.91
CA PHE B 28 -19.39 -7.33 -3.42
C PHE B 28 -20.19 -6.13 -3.90
N ALA B 29 -21.51 -6.18 -3.75
CA ALA B 29 -22.38 -5.10 -4.20
C ALA B 29 -21.96 -3.72 -3.73
N ASN B 30 -21.43 -3.64 -2.52
CA ASN B 30 -21.03 -2.35 -1.96
C ASN B 30 -19.51 -2.19 -1.90
N PHE B 31 -18.81 -2.94 -2.73
CA PHE B 31 -17.36 -2.88 -2.76
C PHE B 31 -16.93 -1.47 -3.12
N PRO B 32 -15.99 -0.89 -2.36
CA PRO B 32 -15.50 0.47 -2.63
C PRO B 32 -15.03 0.71 -4.06
N SER B 33 -15.69 1.67 -4.73
CA SER B 33 -15.33 1.98 -6.10
C SER B 33 -13.96 2.64 -6.14
N GLY B 34 -13.17 2.28 -7.14
CA GLY B 34 -11.84 2.83 -7.27
C GLY B 34 -10.83 1.72 -7.05
N SER B 35 -11.33 0.52 -6.78
CA SER B 35 -10.49 -0.64 -6.54
C SER B 35 -9.98 -1.26 -7.83
N PRO B 36 -8.70 -1.67 -7.84
CA PRO B 36 -8.07 -2.28 -9.02
C PRO B 36 -8.65 -3.63 -9.47
N VAL B 37 -8.52 -4.64 -8.62
CA VAL B 37 -9.00 -5.97 -8.96
C VAL B 37 -10.51 -6.10 -9.13
N SER B 38 -10.88 -6.85 -10.17
CA SER B 38 -12.27 -7.10 -10.51
C SER B 38 -12.93 -7.99 -9.49
N ALA B 39 -14.16 -7.64 -9.12
CA ALA B 39 -14.90 -8.40 -8.13
C ALA B 39 -15.04 -9.86 -8.53
N SER B 40 -15.60 -10.08 -9.71
CA SER B 40 -15.79 -11.42 -10.21
C SER B 40 -14.54 -12.27 -10.06
N THR B 41 -13.38 -11.68 -10.35
CA THR B 41 -12.11 -12.39 -10.26
C THR B 41 -11.80 -12.74 -8.82
N LEU B 42 -12.13 -11.84 -7.91
CA LEU B 42 -11.88 -12.07 -6.48
C LEU B 42 -12.66 -13.29 -6.01
N ALA B 43 -13.93 -13.32 -6.37
CA ALA B 43 -14.81 -14.42 -5.98
C ALA B 43 -14.30 -15.74 -6.55
N ARG B 44 -13.98 -15.75 -7.84
CA ARG B 44 -13.47 -16.95 -8.48
C ARG B 44 -12.32 -17.47 -7.64
N ALA B 45 -11.55 -16.55 -7.05
CA ALA B 45 -10.40 -16.88 -6.21
C ALA B 45 -10.82 -17.36 -4.81
N GLY B 46 -12.12 -17.41 -4.58
CA GLY B 46 -12.62 -17.88 -3.30
C GLY B 46 -12.81 -16.81 -2.24
N PHE B 47 -12.56 -15.57 -2.61
CA PHE B 47 -12.70 -14.48 -1.66
C PHE B 47 -14.13 -14.02 -1.45
N LEU B 48 -14.36 -13.39 -0.30
CA LEU B 48 -15.67 -12.84 0.02
C LEU B 48 -15.41 -11.50 0.67
N TYR B 49 -16.30 -10.55 0.42
CA TYR B 49 -16.17 -9.21 0.99
C TYR B 49 -16.65 -9.09 2.42
N THR B 50 -15.77 -8.69 3.32
CA THR B 50 -16.09 -8.51 4.74
C THR B 50 -17.01 -7.33 4.97
N GLY B 51 -16.56 -6.16 4.53
CA GLY B 51 -17.36 -4.97 4.70
C GLY B 51 -16.53 -3.76 5.07
N GLU B 52 -15.29 -3.97 5.50
CA GLU B 52 -14.42 -2.87 5.86
C GLU B 52 -13.31 -2.66 4.84
N GLY B 53 -13.23 -1.44 4.33
CA GLY B 53 -12.21 -1.11 3.34
C GLY B 53 -12.29 -2.03 2.14
N ASP B 54 -11.14 -2.56 1.72
CA ASP B 54 -11.08 -3.48 0.59
C ASP B 54 -10.56 -4.82 1.09
N THR B 55 -11.00 -5.19 2.29
CA THR B 55 -10.58 -6.44 2.89
C THR B 55 -11.49 -7.58 2.47
N VAL B 56 -10.88 -8.70 2.08
CA VAL B 56 -11.61 -9.90 1.63
C VAL B 56 -11.04 -11.13 2.37
N ARG B 57 -11.78 -12.24 2.38
CA ARG B 57 -11.31 -13.43 3.10
C ARG B 57 -11.60 -14.74 2.38
N CYS B 58 -10.62 -15.64 2.34
CA CYS B 58 -10.78 -16.94 1.68
C CYS B 58 -11.85 -17.71 2.45
N PHE B 59 -12.89 -18.17 1.76
CA PHE B 59 -13.98 -18.91 2.40
C PHE B 59 -13.48 -20.22 2.99
N SER B 60 -12.29 -20.63 2.56
CA SER B 60 -11.67 -21.84 3.04
C SER B 60 -10.80 -21.54 4.27
N CYS B 61 -9.62 -20.95 4.04
CA CYS B 61 -8.67 -20.64 5.11
C CYS B 61 -9.01 -19.40 5.93
N HIS B 62 -10.15 -18.78 5.66
CA HIS B 62 -10.56 -17.58 6.41
C HIS B 62 -9.47 -16.52 6.49
N ALA B 63 -8.47 -16.66 5.63
CA ALA B 63 -7.37 -15.72 5.57
C ALA B 63 -7.93 -14.47 4.90
N ALA B 64 -7.46 -13.30 5.33
CA ALA B 64 -7.95 -12.06 4.76
C ALA B 64 -6.88 -11.39 3.94
N VAL B 65 -7.32 -10.60 2.96
CA VAL B 65 -6.40 -9.86 2.09
C VAL B 65 -6.98 -8.48 1.79
N ASP B 66 -6.14 -7.47 1.93
CA ASP B 66 -6.54 -6.09 1.71
C ASP B 66 -5.44 -5.34 0.98
N ARG B 67 -5.56 -4.03 0.96
CA ARG B 67 -4.58 -3.16 0.34
C ARG B 67 -4.17 -3.59 -1.07
N TRP B 68 -5.16 -3.79 -1.94
CA TRP B 68 -4.89 -4.18 -3.33
C TRP B 68 -4.32 -3.00 -4.09
N GLN B 69 -3.60 -3.30 -5.16
CA GLN B 69 -3.00 -2.27 -6.00
C GLN B 69 -3.16 -2.68 -7.45
N TYR B 70 -3.08 -1.73 -8.37
CA TYR B 70 -3.24 -2.07 -9.78
C TYR B 70 -2.23 -3.10 -10.26
N GLY B 71 -2.71 -4.08 -11.01
CA GLY B 71 -1.82 -5.11 -11.53
C GLY B 71 -1.76 -6.35 -10.67
N ASP B 72 -2.55 -6.38 -9.61
CA ASP B 72 -2.57 -7.52 -8.70
C ASP B 72 -3.31 -8.71 -9.28
N SER B 73 -2.90 -9.89 -8.83
CA SER B 73 -3.49 -11.15 -9.25
C SER B 73 -4.26 -11.72 -8.07
N ALA B 74 -5.56 -11.92 -8.22
CA ALA B 74 -6.36 -12.45 -7.11
C ALA B 74 -5.73 -13.74 -6.60
N VAL B 75 -5.66 -14.74 -7.46
CA VAL B 75 -5.07 -16.02 -7.11
C VAL B 75 -3.63 -15.83 -6.67
N GLY B 76 -2.93 -14.92 -7.33
CA GLY B 76 -1.55 -14.67 -6.99
C GLY B 76 -1.39 -14.22 -5.54
N ARG B 77 -1.96 -13.06 -5.22
CA ARG B 77 -1.90 -12.52 -3.89
C ARG B 77 -2.35 -13.57 -2.91
N HIS B 78 -3.38 -14.30 -3.30
CA HIS B 78 -3.94 -15.32 -2.44
C HIS B 78 -2.94 -16.41 -2.08
N ARG B 79 -2.27 -16.95 -3.09
CA ARG B 79 -1.32 -18.01 -2.82
C ARG B 79 -0.16 -17.49 -1.96
N LYS B 80 0.19 -16.22 -2.13
CA LYS B 80 1.29 -15.63 -1.37
C LYS B 80 0.90 -15.53 0.10
N VAL B 81 -0.26 -14.92 0.36
CA VAL B 81 -0.76 -14.73 1.72
C VAL B 81 -0.89 -16.05 2.45
N SER B 82 -1.80 -16.87 1.94
CA SER B 82 -2.08 -18.17 2.52
C SER B 82 -1.67 -19.26 1.53
N PRO B 83 -0.38 -19.66 1.55
CA PRO B 83 0.10 -20.69 0.64
C PRO B 83 -0.54 -22.05 0.80
N ASN B 84 -1.72 -22.10 1.41
CA ASN B 84 -2.36 -23.40 1.56
C ASN B 84 -3.89 -23.45 1.52
N CYS B 85 -4.55 -22.31 1.25
CA CYS B 85 -6.01 -22.24 1.20
C CYS B 85 -6.59 -23.25 0.26
N ARG B 86 -6.50 -24.54 0.64
CA ARG B 86 -6.99 -25.69 -0.12
C ARG B 86 -7.58 -25.33 -1.47
N PHE B 87 -8.61 -24.52 -1.43
CA PHE B 87 -9.27 -24.06 -2.64
C PHE B 87 -8.21 -23.78 -3.70
N ILE B 88 -7.22 -22.96 -3.32
CA ILE B 88 -6.12 -22.57 -4.19
C ILE B 88 -5.27 -23.77 -4.60
N ASN B 89 -5.35 -24.85 -3.84
CA ASN B 89 -4.56 -26.03 -4.14
C ASN B 89 -5.37 -27.15 -4.79
N GLY B 90 -6.60 -26.83 -5.18
CA GLY B 90 -7.46 -27.79 -5.86
C GLY B 90 -8.21 -28.86 -5.09
N PHE B 91 -8.25 -28.78 -3.76
CA PHE B 91 -8.98 -29.79 -3.01
C PHE B 91 -10.46 -29.47 -3.02
N TYR B 92 -10.87 -28.76 -4.08
CA TYR B 92 -12.23 -28.33 -4.25
C TYR B 92 -12.67 -28.43 -5.70
N LEU B 93 -13.45 -29.45 -6.00
CA LEU B 93 -13.99 -29.67 -7.35
C LEU B 93 -15.20 -30.56 -7.17
N GLU B 94 -16.20 -30.02 -6.48
CA GLU B 94 -17.45 -30.70 -6.19
C GLU B 94 -17.89 -31.64 -7.31
N ASN B 95 -17.83 -31.16 -8.54
CA ASN B 95 -18.22 -31.95 -9.71
C ASN B 95 -19.70 -32.31 -9.64
N THR C 20 33.91 13.37 30.57
CA THR C 20 33.83 14.53 29.64
C THR C 20 32.44 14.59 29.00
N ASP C 21 31.72 15.69 29.24
CA ASP C 21 30.38 15.84 28.68
C ASP C 21 30.20 17.17 27.95
N ASP C 22 31.21 17.60 27.20
CA ASP C 22 31.13 18.86 26.47
C ASP C 22 31.75 18.86 25.09
N LEU C 23 30.95 18.39 24.14
CA LEU C 23 31.34 18.32 22.74
C LEU C 23 30.55 19.40 22.02
N PRO C 24 30.68 19.49 20.70
CA PRO C 24 29.92 20.52 19.98
C PRO C 24 28.42 20.28 20.04
N LEU C 25 27.65 21.34 20.29
CA LEU C 25 26.21 21.19 20.37
C LEU C 25 25.61 21.56 19.03
N CYS C 26 24.45 20.98 18.69
CA CYS C 26 23.82 21.28 17.40
C CYS C 26 23.26 22.69 17.40
N HIS C 27 23.21 23.30 16.23
CA HIS C 27 22.71 24.66 16.12
C HIS C 27 21.46 24.73 15.25
N LEU C 28 21.02 23.58 14.77
CA LEU C 28 19.82 23.50 13.94
C LEU C 28 18.75 22.78 14.72
N SER C 29 18.74 23.02 16.03
CA SER C 29 17.79 22.38 16.92
C SER C 29 17.45 23.26 18.12
N GLY C 30 16.16 23.43 18.38
CA GLY C 30 15.73 24.25 19.51
C GLY C 30 15.01 23.43 20.55
N VAL C 31 14.96 23.92 21.78
CA VAL C 31 14.31 23.21 22.90
C VAL C 31 13.49 24.14 23.77
N GLY C 32 12.30 23.68 24.16
CA GLY C 32 11.44 24.45 25.03
C GLY C 32 11.08 23.56 26.21
N SER C 33 10.95 24.14 27.40
CA SER C 33 10.61 23.33 28.56
C SER C 33 9.96 24.15 29.67
N ALA C 34 9.11 23.47 30.44
CA ALA C 34 8.40 24.10 31.55
C ALA C 34 8.24 23.05 32.64
N SER C 35 8.76 23.35 33.83
CA SER C 35 8.67 22.42 34.95
C SER C 35 7.22 22.06 35.23
N ASN C 36 7.02 20.96 35.96
CA ASN C 36 5.66 20.55 36.30
C ASN C 36 5.11 21.61 37.24
N ARG C 37 3.80 21.63 37.41
CA ARG C 37 3.17 22.58 38.31
C ARG C 37 1.79 22.10 38.71
N SER C 38 1.40 22.45 39.93
CA SER C 38 0.09 22.09 40.44
C SER C 38 -0.64 23.39 40.73
N TYR C 39 -1.94 23.41 40.46
CA TYR C 39 -2.71 24.63 40.70
C TYR C 39 -3.39 24.57 42.07
N SER C 40 -4.03 25.67 42.43
CA SER C 40 -4.73 25.76 43.70
C SER C 40 -6.17 26.17 43.41
N ALA C 41 -7.12 25.55 44.09
CA ALA C 41 -8.53 25.86 43.87
C ALA C 41 -8.77 27.36 44.08
N ASP C 42 -7.71 28.10 44.40
CA ASP C 42 -7.81 29.54 44.62
C ASP C 42 -7.33 30.38 43.43
N GLY C 43 -7.71 29.97 42.22
CA GLY C 43 -7.33 30.71 41.04
C GLY C 43 -5.84 30.97 40.85
N LYS C 44 -5.33 32.02 41.50
CA LYS C 44 -3.92 32.38 41.40
C LYS C 44 -3.00 31.36 42.08
N GLY C 45 -3.27 30.08 41.83
CA GLY C 45 -2.46 29.03 42.43
C GLY C 45 -1.45 28.47 41.46
N THR C 46 -0.31 28.03 41.99
CA THR C 46 0.75 27.48 41.16
C THR C 46 1.88 26.94 42.03
N GLU C 47 1.99 25.62 42.10
CA GLU C 47 3.04 24.98 42.89
C GLU C 47 4.04 24.26 41.99
N SER C 48 4.95 23.50 42.59
CA SER C 48 5.98 22.81 41.83
C SER C 48 6.63 21.69 42.63
N HIS C 49 7.51 20.94 41.96
CA HIS C 49 8.25 19.83 42.58
C HIS C 49 9.56 19.64 41.84
N PRO C 50 10.51 18.89 42.42
CA PRO C 50 11.79 18.71 41.73
C PRO C 50 11.54 18.24 40.30
N PRO C 51 12.14 18.94 39.31
CA PRO C 51 12.01 18.65 37.88
C PRO C 51 12.92 17.51 37.43
N GLU C 52 12.33 16.50 36.80
CA GLU C 52 13.10 15.35 36.35
C GLU C 52 12.90 15.02 34.87
N ASP C 53 13.46 15.86 34.01
CA ASP C 53 13.39 15.69 32.58
C ASP C 53 14.67 16.27 32.00
N SER C 54 15.24 15.60 31.00
CA SER C 54 16.48 16.04 30.39
C SER C 54 16.43 15.94 28.86
N TRP C 55 17.34 16.63 28.18
CA TRP C 55 17.38 16.62 26.72
C TRP C 55 18.81 16.50 26.19
N LEU C 56 18.94 16.18 24.90
CA LEU C 56 20.25 16.03 24.27
C LEU C 56 20.23 16.61 22.87
N LYS C 57 21.21 17.45 22.56
CA LYS C 57 21.30 18.01 21.21
C LYS C 57 22.75 18.21 20.84
N PHE C 58 23.49 17.11 20.82
CA PHE C 58 24.90 17.13 20.48
C PHE C 58 25.14 16.92 19.00
N ARG C 59 26.40 17.09 18.60
CA ARG C 59 26.80 16.95 17.21
C ARG C 59 28.23 16.48 17.24
N SER C 60 28.47 15.22 16.89
CA SER C 60 29.83 14.69 16.89
C SER C 60 30.72 15.43 15.89
N GLU C 61 31.98 15.55 16.26
CA GLU C 61 32.99 16.24 15.45
C GLU C 61 33.04 15.64 14.04
N ASN C 62 32.57 14.41 13.91
CA ASN C 62 32.56 13.72 12.63
C ASN C 62 31.25 13.98 11.87
N ASN C 63 30.52 15.01 12.29
CA ASN C 63 29.27 15.38 11.63
C ASN C 63 28.13 14.38 11.85
N CYS C 64 27.92 13.96 13.10
CA CYS C 64 26.86 13.01 13.43
C CYS C 64 25.95 13.65 14.47
N PHE C 65 24.64 13.57 14.24
CA PHE C 65 23.67 14.18 15.15
C PHE C 65 22.94 13.23 16.09
N LEU C 66 22.88 13.62 17.37
CA LEU C 66 22.21 12.84 18.39
C LEU C 66 21.28 13.69 19.24
N TYR C 67 19.98 13.45 19.14
CA TYR C 67 19.02 14.22 19.93
C TYR C 67 18.24 13.30 20.86
N GLY C 68 17.81 13.83 22.01
CA GLY C 68 17.08 13.01 22.96
C GLY C 68 16.22 13.76 23.97
N VAL C 69 15.24 13.06 24.54
CA VAL C 69 14.34 13.61 25.55
C VAL C 69 14.09 12.50 26.56
N PHE C 70 14.56 12.70 27.79
CA PHE C 70 14.37 11.71 28.83
C PHE C 70 13.44 12.21 29.92
N ASN C 71 12.26 11.58 30.06
CA ASN C 71 11.32 11.97 31.09
C ASN C 71 11.55 11.05 32.27
N GLY C 72 12.02 11.62 33.36
CA GLY C 72 12.27 10.82 34.54
C GLY C 72 11.10 10.81 35.50
N TYR C 73 11.19 9.87 36.45
CA TYR C 73 10.17 9.71 37.46
C TYR C 73 10.85 9.33 38.75
N ASP C 74 10.26 9.75 39.87
CA ASP C 74 10.80 9.45 41.19
C ASP C 74 12.30 9.72 41.26
N GLY C 75 12.66 11.00 41.22
CA GLY C 75 14.07 11.37 41.31
C GLY C 75 14.68 11.62 39.95
N ASN C 76 15.56 12.62 39.90
CA ASN C 76 16.22 12.96 38.65
C ASN C 76 17.66 12.46 38.71
N ARG C 77 17.90 11.46 39.53
CA ARG C 77 19.24 10.91 39.64
C ARG C 77 19.50 9.95 38.49
N VAL C 78 18.48 9.72 37.67
CA VAL C 78 18.64 8.83 36.53
C VAL C 78 18.66 9.58 35.20
N THR C 79 17.75 10.54 35.04
CA THR C 79 17.69 11.30 33.81
C THR C 79 19.02 12.01 33.51
N ASN C 80 19.66 12.54 34.55
CA ASN C 80 20.93 13.26 34.39
C ASN C 80 22.11 12.30 34.24
N PHE C 81 21.80 11.02 34.14
CA PHE C 81 22.79 9.98 34.01
C PHE C 81 22.76 9.44 32.59
N VAL C 82 21.65 8.79 32.26
CA VAL C 82 21.44 8.21 30.92
C VAL C 82 21.81 9.23 29.88
N ALA C 83 21.44 10.47 30.13
CA ALA C 83 21.72 11.54 29.20
C ALA C 83 23.20 11.49 28.81
N GLN C 84 24.07 11.76 29.77
CA GLN C 84 25.50 11.77 29.51
C GLN C 84 26.05 10.41 29.05
N ARG C 85 25.83 9.38 29.86
CA ARG C 85 26.32 8.03 29.55
C ARG C 85 25.97 7.53 28.14
N LEU C 86 24.79 7.86 27.65
CA LEU C 86 24.38 7.45 26.31
C LEU C 86 25.31 8.13 25.29
N SER C 87 25.61 9.40 25.52
CA SER C 87 26.50 10.16 24.64
C SER C 87 27.85 9.47 24.49
N ALA C 88 28.42 9.07 25.62
CA ALA C 88 29.71 8.40 25.64
C ALA C 88 29.76 7.19 24.70
N GLU C 89 28.71 6.37 24.74
CA GLU C 89 28.66 5.17 23.91
C GLU C 89 28.10 5.40 22.52
N LEU C 90 28.06 6.64 22.06
CA LEU C 90 27.51 6.94 20.74
C LEU C 90 28.31 7.95 19.93
N LEU C 91 28.64 9.07 20.56
CA LEU C 91 29.36 10.15 19.89
C LEU C 91 30.89 10.06 19.92
N LEU C 92 31.41 9.03 20.55
CA LEU C 92 32.86 8.87 20.64
C LEU C 92 33.41 7.81 19.69
N GLY C 93 32.91 7.82 18.46
CA GLY C 93 33.37 6.86 17.47
C GLY C 93 32.33 5.83 17.09
N GLN C 94 32.10 4.88 17.98
CA GLN C 94 31.13 3.80 17.80
C GLN C 94 30.13 3.95 16.65
N LEU C 95 29.54 5.14 16.51
CA LEU C 95 28.56 5.40 15.46
C LEU C 95 29.12 6.17 14.28
N ASN C 96 29.98 7.14 14.58
CA ASN C 96 30.60 7.96 13.55
C ASN C 96 31.32 7.13 12.49
N ALA C 97 30.68 6.94 11.33
CA ALA C 97 31.29 6.17 10.24
C ALA C 97 30.28 5.89 9.14
N GLU C 98 30.72 5.15 8.14
CA GLU C 98 29.86 4.77 7.03
C GLU C 98 29.36 3.37 7.33
N HIS C 99 28.43 3.28 8.27
CA HIS C 99 27.89 1.98 8.64
C HIS C 99 26.60 1.66 7.89
N ALA C 100 26.22 0.40 7.94
CA ALA C 100 25.01 -0.08 7.29
C ALA C 100 23.81 0.17 8.19
N GLU C 101 22.62 0.13 7.61
CA GLU C 101 21.40 0.35 8.37
C GLU C 101 21.43 -0.54 9.61
N ALA C 102 21.38 -1.85 9.40
CA ALA C 102 21.39 -2.81 10.49
C ALA C 102 22.56 -2.62 11.44
N ASP C 103 23.62 -2.00 10.94
CA ASP C 103 24.79 -1.75 11.77
C ASP C 103 24.47 -0.68 12.79
N VAL C 104 23.91 0.44 12.33
CA VAL C 104 23.57 1.54 13.22
C VAL C 104 22.57 1.07 14.28
N ARG C 105 21.73 0.11 13.91
CA ARG C 105 20.76 -0.44 14.85
C ARG C 105 21.51 -1.24 15.92
N ARG C 106 22.43 -2.09 15.48
CA ARG C 106 23.19 -2.92 16.41
C ARG C 106 23.99 -2.10 17.40
N VAL C 107 24.47 -0.94 16.98
CA VAL C 107 25.26 -0.10 17.87
C VAL C 107 24.40 0.51 18.96
N LEU C 108 23.21 0.97 18.61
CA LEU C 108 22.31 1.55 19.60
C LEU C 108 21.96 0.49 20.62
N LEU C 109 21.48 -0.65 20.14
CA LEU C 109 21.12 -1.75 21.01
C LEU C 109 22.22 -1.95 22.07
N GLN C 110 23.46 -2.05 21.59
CA GLN C 110 24.62 -2.22 22.45
C GLN C 110 24.70 -1.05 23.43
N ALA C 111 24.44 0.13 22.89
CA ALA C 111 24.51 1.36 23.67
C ALA C 111 23.52 1.39 24.84
N PHE C 112 22.22 1.27 24.55
CA PHE C 112 21.22 1.30 25.62
C PHE C 112 21.51 0.24 26.66
N ASP C 113 22.12 -0.87 26.25
CA ASP C 113 22.43 -1.94 27.19
C ASP C 113 23.50 -1.47 28.18
N VAL C 114 24.59 -0.93 27.65
CA VAL C 114 25.68 -0.44 28.49
C VAL C 114 25.19 0.53 29.55
N VAL C 115 24.27 1.42 29.17
CA VAL C 115 23.73 2.37 30.12
C VAL C 115 23.00 1.64 31.23
N GLU C 116 22.14 0.70 30.86
CA GLU C 116 21.39 -0.08 31.83
C GLU C 116 22.33 -0.78 32.80
N ARG C 117 23.03 -1.83 32.32
CA ARG C 117 23.96 -2.58 33.15
C ARG C 117 24.84 -1.67 34.01
N SER C 118 25.34 -0.61 33.42
CA SER C 118 26.18 0.33 34.16
C SER C 118 25.42 0.97 35.31
N PHE C 119 24.27 1.55 35.00
CA PHE C 119 23.43 2.21 35.99
C PHE C 119 23.08 1.30 37.17
N LEU C 120 22.72 0.06 36.88
CA LEU C 120 22.40 -0.87 37.94
C LEU C 120 23.57 -1.04 38.90
N GLU C 121 24.77 -1.06 38.35
CA GLU C 121 25.97 -1.20 39.17
C GLU C 121 26.20 0.08 39.96
N SER C 122 25.70 1.19 39.43
CA SER C 122 25.84 2.48 40.09
C SER C 122 25.11 2.41 41.42
N ILE C 123 23.82 2.11 41.36
CA ILE C 123 23.02 2.01 42.56
C ILE C 123 23.53 0.85 43.40
N ASP C 124 24.66 1.11 44.07
CA ASP C 124 25.32 0.16 44.95
C ASP C 124 26.19 0.97 45.91
N ASP C 125 25.61 2.06 46.44
CA ASP C 125 26.30 2.93 47.37
C ASP C 125 25.40 4.10 47.79
N LEU C 135 15.31 6.12 61.21
CA LEU C 135 16.45 5.96 60.31
C LEU C 135 16.13 6.63 58.99
N GLU C 136 16.89 7.65 58.65
CA GLU C 136 16.65 8.37 57.40
C GLU C 136 17.22 7.58 56.22
N ARG C 137 17.68 6.37 56.50
CA ARG C 137 18.29 5.51 55.47
C ARG C 137 17.23 4.84 54.61
N LEU C 138 16.25 4.22 55.26
CA LEU C 138 15.19 3.55 54.53
C LEU C 138 14.48 4.57 53.65
N LYS C 139 14.60 5.83 54.02
CA LYS C 139 14.00 6.94 53.29
C LYS C 139 14.61 7.05 51.89
N THR C 140 15.94 6.99 51.83
CA THR C 140 16.66 7.08 50.57
C THR C 140 16.53 5.80 49.76
N LEU C 141 16.73 4.66 50.41
CA LEU C 141 16.63 3.37 49.75
C LEU C 141 15.42 3.30 48.82
N GLU C 142 14.22 3.29 49.41
CA GLU C 142 12.98 3.22 48.65
C GLU C 142 12.98 4.15 47.43
N ARG C 143 13.83 5.17 47.47
CA ARG C 143 13.92 6.14 46.38
C ARG C 143 14.69 5.63 45.17
N GLU C 144 16.02 5.56 45.30
CA GLU C 144 16.85 5.13 44.20
C GLU C 144 16.51 3.72 43.68
N ILE C 145 15.91 2.90 44.54
CA ILE C 145 15.52 1.54 44.15
C ILE C 145 14.30 1.64 43.23
N SER C 146 13.59 2.76 43.30
CA SER C 146 12.40 2.97 42.49
C SER C 146 12.58 4.10 41.48
N GLY C 147 13.78 4.66 41.41
CA GLY C 147 14.04 5.73 40.48
C GLY C 147 14.18 5.15 39.08
N GLY C 148 13.74 5.90 38.08
CA GLY C 148 13.84 5.42 36.72
C GLY C 148 13.61 6.54 35.73
N ALA C 149 13.54 6.18 34.45
CA ALA C 149 13.31 7.16 33.40
C ALA C 149 13.01 6.47 32.08
N MET C 150 12.40 7.21 31.17
CA MET C 150 12.04 6.73 29.85
C MET C 150 12.71 7.67 28.85
N ALA C 151 13.01 7.16 27.65
CA ALA C 151 13.69 8.00 26.67
C ALA C 151 13.38 7.75 25.21
N VAL C 152 13.59 8.81 24.43
CA VAL C 152 13.40 8.82 22.99
C VAL C 152 14.71 9.35 22.45
N VAL C 153 15.32 8.63 21.54
CA VAL C 153 16.58 9.09 20.98
C VAL C 153 16.47 9.11 19.45
N ALA C 154 16.89 10.21 18.85
CA ALA C 154 16.88 10.34 17.40
C ALA C 154 18.32 10.52 16.94
N VAL C 155 18.70 9.84 15.87
CA VAL C 155 20.06 9.95 15.36
C VAL C 155 20.05 10.27 13.87
N LEU C 156 21.01 11.09 13.45
CA LEU C 156 21.08 11.46 12.06
C LEU C 156 22.42 11.04 11.47
N LEU C 157 22.38 10.51 10.24
CA LEU C 157 23.57 10.05 9.56
C LEU C 157 23.33 9.97 8.05
N ASN C 158 23.68 11.02 7.32
CA ASN C 158 23.50 11.05 5.86
C ASN C 158 22.03 11.12 5.49
N ASN C 159 21.33 12.12 6.01
CA ASN C 159 19.91 12.27 5.73
C ASN C 159 19.08 11.01 5.98
N LYS C 160 19.63 10.13 6.83
CA LYS C 160 18.93 8.91 7.23
C LYS C 160 18.63 9.13 8.71
N LEU C 161 17.34 9.03 9.07
CA LEU C 161 16.88 9.22 10.44
C LEU C 161 16.66 7.90 11.17
N TYR C 162 17.08 7.84 12.43
CA TYR C 162 16.90 6.65 13.25
C TYR C 162 16.29 7.07 14.57
N VAL C 163 15.31 6.32 15.03
CA VAL C 163 14.66 6.61 16.29
C VAL C 163 14.65 5.39 17.19
N ALA C 164 15.27 5.52 18.35
CA ALA C 164 15.32 4.46 19.35
C ALA C 164 14.32 4.89 20.39
N ASN C 165 13.49 3.97 20.86
CA ASN C 165 12.46 4.33 21.83
C ASN C 165 12.23 3.37 22.99
N VAL C 166 12.10 3.95 24.18
CA VAL C 166 11.85 3.19 25.41
C VAL C 166 10.89 3.98 26.29
N GLY C 167 9.61 3.67 26.22
CA GLY C 167 8.65 4.38 27.05
C GLY C 167 7.49 4.99 26.27
N THR C 168 6.94 6.08 26.79
CA THR C 168 5.82 6.76 26.17
C THR C 168 6.09 8.15 25.61
N ASN C 169 7.35 8.46 25.34
CA ASN C 169 7.66 9.75 24.76
C ASN C 169 7.43 9.61 23.26
N ARG C 170 6.95 10.67 22.61
CA ARG C 170 6.69 10.59 21.17
C ARG C 170 7.70 11.34 20.33
N ALA C 171 7.83 10.88 19.09
CA ALA C 171 8.73 11.47 18.13
C ALA C 171 7.97 11.54 16.81
N LEU C 172 7.79 12.74 16.28
CA LEU C 172 7.07 12.90 15.03
C LEU C 172 7.87 13.54 13.93
N LEU C 173 7.62 13.09 12.71
CA LEU C 173 8.29 13.65 11.55
C LEU C 173 7.23 14.43 10.80
N CYS C 174 7.56 15.67 10.45
CA CYS C 174 6.62 16.55 9.74
C CYS C 174 7.14 17.03 8.40
N LYS C 175 6.67 16.39 7.33
CA LYS C 175 7.05 16.75 5.97
C LYS C 175 6.04 17.76 5.42
N SER C 176 6.53 18.74 4.67
CA SER C 176 5.65 19.75 4.09
C SER C 176 5.10 19.25 2.75
N THR C 177 3.78 19.03 2.70
CA THR C 177 3.16 18.56 1.48
C THR C 177 2.55 19.72 0.72
N VAL C 178 2.46 19.58 -0.60
CA VAL C 178 1.89 20.65 -1.42
C VAL C 178 0.37 20.57 -1.30
N ASP C 179 -0.10 19.81 -0.32
CA ASP C 179 -1.53 19.66 -0.06
C ASP C 179 -1.79 19.63 1.43
N GLY C 180 -0.86 20.24 2.18
CA GLY C 180 -0.98 20.29 3.62
C GLY C 180 0.32 19.94 4.30
N LEU C 181 0.25 19.70 5.61
CA LEU C 181 1.43 19.34 6.38
C LEU C 181 1.26 17.91 6.84
N GLN C 182 2.13 17.01 6.39
CA GLN C 182 2.02 15.63 6.79
C GLN C 182 2.63 15.37 8.17
N VAL C 183 1.89 14.66 9.00
CA VAL C 183 2.37 14.36 10.34
C VAL C 183 2.27 12.86 10.56
N THR C 184 3.40 12.25 10.90
CA THR C 184 3.49 10.83 11.15
C THR C 184 4.40 10.57 12.34
N GLN C 185 3.88 9.82 13.32
CA GLN C 185 4.64 9.47 14.52
C GLN C 185 5.55 8.31 14.20
N LEU C 186 6.84 8.45 14.48
CA LEU C 186 7.80 7.42 14.14
C LEU C 186 7.89 6.28 15.13
N ASN C 187 7.49 6.52 16.38
CA ASN C 187 7.56 5.48 17.40
C ASN C 187 6.23 5.00 17.94
N VAL C 188 6.28 4.03 18.83
CA VAL C 188 5.07 3.47 19.41
C VAL C 188 5.06 3.59 20.93
N ASP C 189 3.89 3.88 21.49
CA ASP C 189 3.74 4.05 22.92
C ASP C 189 3.79 2.72 23.65
N HIS C 190 4.78 2.54 24.51
CA HIS C 190 4.96 1.32 25.30
C HIS C 190 4.01 1.27 26.50
N THR C 191 2.71 1.24 26.24
CA THR C 191 1.71 1.20 27.31
C THR C 191 1.01 -0.15 27.32
N THR C 192 0.07 -0.34 28.23
CA THR C 192 -0.65 -1.60 28.29
C THR C 192 -1.75 -1.61 27.24
N GLU C 193 -1.86 -0.53 26.48
CA GLU C 193 -2.86 -0.44 25.44
C GLU C 193 -2.25 -0.88 24.11
N ASN C 194 -0.98 -1.26 24.15
CA ASN C 194 -0.31 -1.70 22.92
C ASN C 194 -0.47 -3.20 22.67
N GLU C 195 -1.23 -3.51 21.64
CA GLU C 195 -1.51 -4.90 21.26
C GLU C 195 -0.25 -5.73 21.26
N ASP C 196 0.85 -5.14 20.81
CA ASP C 196 2.13 -5.84 20.75
C ASP C 196 2.75 -6.00 22.13
N GLU C 197 2.81 -4.91 22.88
CA GLU C 197 3.38 -4.96 24.22
C GLU C 197 2.64 -5.97 25.08
N LEU C 198 1.33 -5.99 24.94
CA LEU C 198 0.47 -6.90 25.69
C LEU C 198 0.87 -8.33 25.38
N PHE C 199 0.88 -8.63 24.08
CA PHE C 199 1.24 -9.95 23.58
C PHE C 199 2.59 -10.40 24.14
N ARG C 200 3.54 -9.48 24.16
CA ARG C 200 4.87 -9.77 24.68
C ARG C 200 4.80 -10.21 26.14
N LEU C 201 3.97 -9.53 26.91
CA LEU C 201 3.77 -9.83 28.33
C LEU C 201 3.03 -11.14 28.49
N SER C 202 2.16 -11.45 27.53
CA SER C 202 1.38 -12.68 27.55
C SER C 202 2.31 -13.88 27.38
N GLN C 203 3.16 -13.82 26.36
CA GLN C 203 4.11 -14.89 26.09
C GLN C 203 5.02 -15.10 27.30
N LEU C 204 5.10 -14.10 28.17
CA LEU C 204 5.91 -14.18 29.37
C LEU C 204 5.15 -14.96 30.43
N GLY C 205 3.86 -15.15 30.19
CA GLY C 205 3.04 -15.90 31.11
C GLY C 205 2.03 -15.13 31.93
N LEU C 206 1.90 -13.82 31.70
CA LEU C 206 0.93 -13.06 32.46
C LEU C 206 -0.40 -13.05 31.74
N ASP C 207 -1.41 -12.47 32.38
CA ASP C 207 -2.74 -12.42 31.76
C ASP C 207 -2.96 -11.08 31.07
N ALA C 208 -3.38 -11.15 29.82
CA ALA C 208 -3.63 -9.94 29.06
C ALA C 208 -4.73 -9.13 29.72
N GLY C 209 -5.97 -9.59 29.54
CA GLY C 209 -7.12 -8.91 30.12
C GLY C 209 -6.89 -8.26 31.47
N LYS C 210 -6.32 -9.00 32.41
CA LYS C 210 -6.05 -8.46 33.74
C LYS C 210 -5.10 -7.27 33.68
N ILE C 211 -3.99 -7.43 32.95
CA ILE C 211 -3.02 -6.36 32.84
C ILE C 211 -3.61 -5.15 32.14
N LYS C 212 -4.24 -5.38 31.00
CA LYS C 212 -4.85 -4.28 30.27
C LYS C 212 -5.93 -3.59 31.11
N GLN C 213 -6.58 -4.36 32.00
CA GLN C 213 -7.63 -3.85 32.87
C GLN C 213 -7.14 -2.77 33.87
N VAL C 214 -6.14 -3.12 34.67
CA VAL C 214 -5.59 -2.17 35.65
C VAL C 214 -4.94 -1.01 34.92
N GLY C 215 -4.33 -1.30 33.77
CA GLY C 215 -3.67 -0.27 32.98
C GLY C 215 -2.49 0.39 33.66
N ILE C 216 -2.12 -0.11 34.83
CA ILE C 216 -1.01 0.46 35.56
C ILE C 216 -0.17 -0.62 36.23
N ILE C 217 1.16 -0.46 36.15
CA ILE C 217 2.09 -1.41 36.75
C ILE C 217 3.15 -0.66 37.56
N CYS C 218 2.99 -0.63 38.88
CA CYS C 218 3.93 0.06 39.76
C CYS C 218 3.89 1.56 39.52
N GLY C 219 2.72 2.14 39.76
CA GLY C 219 2.57 3.58 39.57
C GLY C 219 2.75 4.02 38.13
N GLN C 220 3.48 3.23 37.34
CA GLN C 220 3.73 3.57 35.95
C GLN C 220 2.81 2.83 34.98
N GLU C 221 2.60 3.43 33.82
CA GLU C 221 1.76 2.86 32.78
C GLU C 221 2.66 2.33 31.67
N SER C 222 3.92 2.74 31.70
CA SER C 222 4.90 2.34 30.72
C SER C 222 5.30 0.87 30.95
N THR C 223 5.45 0.11 29.86
CA THR C 223 5.81 -1.29 29.96
C THR C 223 7.29 -1.53 29.74
N ARG C 224 8.03 -0.45 29.52
CA ARG C 224 9.49 -0.52 29.33
C ARG C 224 10.09 0.75 29.92
N ARG C 225 11.19 0.61 30.64
CA ARG C 225 11.85 1.77 31.22
C ARG C 225 13.26 1.47 31.71
N ILE C 226 14.06 2.52 31.82
CA ILE C 226 15.44 2.43 32.25
C ILE C 226 15.53 2.52 33.76
N GLY C 227 16.40 1.71 34.36
CA GLY C 227 16.57 1.72 35.80
C GLY C 227 15.46 0.98 36.51
N ASP C 228 14.99 1.53 37.62
CA ASP C 228 13.91 0.92 38.40
C ASP C 228 14.35 -0.46 38.88
N TYR C 229 15.36 -0.46 39.74
CA TYR C 229 15.92 -1.67 40.31
C TYR C 229 14.84 -2.60 40.85
N LYS C 230 13.90 -2.02 41.57
CA LYS C 230 12.80 -2.73 42.19
C LYS C 230 12.07 -3.73 41.27
N VAL C 231 11.39 -3.22 40.25
CA VAL C 231 10.64 -4.06 39.32
C VAL C 231 11.50 -4.93 38.39
N LYS C 232 12.74 -4.52 38.16
CA LYS C 232 13.63 -5.28 37.28
C LYS C 232 14.13 -6.56 37.92
N TYR C 233 14.40 -6.51 39.21
CA TYR C 233 14.92 -7.67 39.91
C TYR C 233 13.94 -8.32 40.87
N GLY C 234 12.96 -7.56 41.35
CA GLY C 234 11.99 -8.11 42.27
C GLY C 234 10.58 -8.22 41.75
N TYR C 235 10.40 -8.17 40.43
CA TYR C 235 9.07 -8.24 39.86
C TYR C 235 8.37 -9.47 40.39
N THR C 236 9.14 -10.51 40.69
CA THR C 236 8.57 -11.74 41.18
C THR C 236 7.77 -11.55 42.47
N ASP C 237 8.02 -10.46 43.19
CA ASP C 237 7.32 -10.18 44.44
C ASP C 237 6.17 -9.20 44.30
N ILE C 238 5.62 -9.09 43.08
CA ILE C 238 4.50 -8.19 42.83
C ILE C 238 3.34 -9.00 42.26
N ASP C 239 2.26 -9.09 43.03
CA ASP C 239 1.08 -9.86 42.64
C ASP C 239 0.74 -9.88 41.16
N LEU C 240 0.81 -8.74 40.49
CA LEU C 240 0.50 -8.71 39.06
C LEU C 240 1.55 -9.38 38.16
N LEU C 241 2.81 -9.32 38.56
CA LEU C 241 3.88 -9.91 37.75
C LEU C 241 4.42 -11.23 38.30
N SER C 242 3.78 -11.74 39.34
CA SER C 242 4.20 -13.00 39.97
C SER C 242 4.67 -14.07 38.99
N ALA C 243 3.83 -14.41 38.02
CA ALA C 243 4.15 -15.45 37.04
C ALA C 243 4.90 -14.90 35.83
N ALA C 244 6.20 -15.10 35.77
CA ALA C 244 6.97 -14.59 34.63
C ALA C 244 8.35 -15.21 34.49
N LYS C 245 8.56 -15.95 33.40
CA LYS C 245 9.84 -16.56 33.17
C LYS C 245 10.94 -15.54 32.92
N SER C 246 10.56 -14.29 32.64
CA SER C 246 11.53 -13.23 32.40
C SER C 246 11.00 -11.87 32.85
N LYS C 247 11.87 -10.86 32.83
CA LYS C 247 11.48 -9.50 33.23
C LYS C 247 10.31 -8.99 32.39
N PRO C 248 9.18 -8.68 33.04
CA PRO C 248 8.00 -8.16 32.35
C PRO C 248 8.24 -6.74 31.88
N ILE C 249 9.01 -6.00 32.66
CA ILE C 249 9.36 -4.63 32.37
C ILE C 249 10.83 -4.60 31.92
N ILE C 250 11.03 -4.54 30.61
CA ILE C 250 12.38 -4.54 30.05
C ILE C 250 12.82 -3.13 29.61
N ALA C 251 14.12 -2.98 29.37
CA ALA C 251 14.67 -1.71 28.94
C ALA C 251 15.14 -1.72 27.50
N GLU C 252 15.00 -2.85 26.81
CA GLU C 252 15.40 -2.92 25.41
C GLU C 252 14.60 -1.91 24.60
N PRO C 253 15.28 -1.08 23.80
CA PRO C 253 14.69 -0.04 22.94
C PRO C 253 14.12 -0.57 21.63
N GLU C 254 13.14 0.14 21.07
CA GLU C 254 12.55 -0.26 19.81
C GLU C 254 13.10 0.69 18.74
N ILE C 255 14.00 0.17 17.92
CA ILE C 255 14.65 0.93 16.85
C ILE C 255 13.76 1.02 15.60
N HIS C 256 13.81 2.16 14.91
CA HIS C 256 13.01 2.29 13.71
C HIS C 256 13.82 2.55 12.47
N GLY C 257 13.88 1.53 11.61
CA GLY C 257 14.61 1.57 10.36
C GLY C 257 14.88 2.94 9.81
N ALA C 258 16.05 3.13 9.24
CA ALA C 258 16.42 4.43 8.69
C ALA C 258 15.31 5.05 7.87
N GLN C 259 15.18 6.36 7.97
CA GLN C 259 14.19 7.10 7.21
C GLN C 259 14.89 8.02 6.22
N PRO C 260 14.46 7.98 4.96
CA PRO C 260 15.04 8.80 3.89
C PRO C 260 14.69 10.28 4.05
N LEU C 261 15.71 11.12 4.26
CA LEU C 261 15.50 12.55 4.44
C LEU C 261 16.14 13.42 3.36
N ASP C 262 16.49 12.83 2.23
CA ASP C 262 17.12 13.61 1.18
C ASP C 262 16.25 14.74 0.62
N GLY C 263 15.18 14.38 -0.08
CA GLY C 263 14.31 15.40 -0.65
C GLY C 263 13.29 16.01 0.29
N VAL C 264 13.31 15.57 1.54
CA VAL C 264 12.39 16.04 2.55
C VAL C 264 12.58 17.51 2.91
N THR C 265 11.51 18.13 3.42
CA THR C 265 11.53 19.52 3.85
C THR C 265 10.49 19.76 4.94
N GLY C 266 10.94 19.69 6.18
CA GLY C 266 10.04 19.89 7.30
C GLY C 266 10.81 19.94 8.60
N PHE C 267 10.36 19.21 9.61
CA PHE C 267 11.05 19.20 10.89
C PHE C 267 10.73 17.98 11.74
N LEU C 268 11.66 17.70 12.65
CA LEU C 268 11.54 16.57 13.56
C LEU C 268 11.10 17.07 14.93
N VAL C 269 10.22 16.31 15.57
CA VAL C 269 9.70 16.68 16.88
C VAL C 269 9.87 15.55 17.89
N LEU C 270 10.51 15.88 19.01
CA LEU C 270 10.70 14.94 20.09
C LEU C 270 10.08 15.62 21.29
N MET C 271 9.02 15.03 21.84
CA MET C 271 8.36 15.65 22.97
C MET C 271 8.09 14.66 24.09
N SER C 272 8.19 15.13 25.33
CA SER C 272 7.96 14.27 26.49
C SER C 272 6.48 14.02 26.72
N GLU C 273 6.19 12.99 27.50
CA GLU C 273 4.82 12.61 27.81
C GLU C 273 4.06 13.80 28.35
N GLY C 274 4.57 14.34 29.45
CA GLY C 274 3.95 15.48 30.09
C GLY C 274 3.33 16.52 29.17
N LEU C 275 3.90 16.72 27.99
CA LEU C 275 3.38 17.71 27.07
C LEU C 275 2.15 17.19 26.31
N TYR C 276 2.31 16.19 25.45
CA TYR C 276 1.16 15.70 24.72
C TYR C 276 0.10 15.16 25.67
N LYS C 277 0.50 14.94 26.93
CA LYS C 277 -0.44 14.42 27.92
C LYS C 277 -1.36 15.53 28.38
N ALA C 278 -0.80 16.72 28.56
CA ALA C 278 -1.60 17.84 28.98
C ALA C 278 -2.54 18.28 27.86
N LEU C 279 -1.98 18.60 26.71
CA LEU C 279 -2.84 19.03 25.61
C LEU C 279 -4.00 18.05 25.40
N GLU C 280 -3.75 16.76 25.61
CA GLU C 280 -4.78 15.72 25.47
C GLU C 280 -5.87 15.86 26.52
N ALA C 281 -5.47 16.14 27.75
CA ALA C 281 -6.38 16.28 28.86
C ALA C 281 -7.39 17.41 28.69
N ALA C 282 -6.95 18.49 28.05
CA ALA C 282 -7.84 19.62 27.85
C ALA C 282 -8.73 19.45 26.61
N HIS C 283 -8.14 19.48 25.43
CA HIS C 283 -8.93 19.33 24.22
C HIS C 283 -9.60 17.96 24.05
N GLY C 284 -8.91 16.89 24.42
CA GLY C 284 -9.49 15.57 24.29
C GLY C 284 -8.55 14.57 23.63
N PRO C 285 -8.72 13.28 23.90
CA PRO C 285 -7.88 12.22 23.34
C PRO C 285 -7.80 12.22 21.80
N GLY C 286 -6.64 11.79 21.28
CA GLY C 286 -6.44 11.76 19.84
C GLY C 286 -6.28 13.14 19.24
N GLN C 287 -6.01 13.22 17.95
CA GLN C 287 -5.83 14.49 17.25
C GLN C 287 -4.86 15.44 17.96
N ALA C 288 -4.04 14.90 18.85
CA ALA C 288 -3.06 15.69 19.59
C ALA C 288 -1.79 15.94 18.80
N ASN C 289 -1.30 14.90 18.12
CA ASN C 289 -0.08 15.02 17.33
C ASN C 289 -0.22 16.11 16.27
N GLN C 290 -1.35 16.11 15.57
CA GLN C 290 -1.57 17.10 14.53
C GLN C 290 -1.63 18.49 15.13
N GLU C 291 -2.46 18.65 16.16
CA GLU C 291 -2.62 19.95 16.78
C GLU C 291 -1.28 20.52 17.23
N ILE C 292 -0.47 19.73 17.95
CA ILE C 292 0.83 20.23 18.39
C ILE C 292 1.66 20.60 17.16
N ALA C 293 1.64 19.76 16.14
CA ALA C 293 2.39 20.03 14.92
C ALA C 293 1.85 21.32 14.29
N ALA C 294 0.53 21.46 14.29
CA ALA C 294 -0.12 22.64 13.71
C ALA C 294 0.42 23.89 14.42
N MET C 295 0.53 23.82 15.74
CA MET C 295 1.03 24.92 16.53
C MET C 295 2.46 25.25 16.14
N ILE C 296 3.32 24.23 16.15
CA ILE C 296 4.73 24.41 15.80
C ILE C 296 4.88 25.09 14.44
N ASP C 297 3.89 24.89 13.57
CA ASP C 297 3.91 25.47 12.24
C ASP C 297 3.77 26.98 12.34
N THR C 298 2.68 27.42 12.95
CA THR C 298 2.41 28.84 13.12
C THR C 298 3.61 29.54 13.75
N GLU C 299 3.91 29.20 15.00
CA GLU C 299 5.01 29.79 15.74
C GLU C 299 6.30 29.82 14.94
N PHE C 300 6.39 28.95 13.93
CA PHE C 300 7.59 28.86 13.09
C PHE C 300 7.79 30.10 12.20
N ALA C 301 6.69 30.75 11.84
CA ALA C 301 6.76 31.93 10.99
C ALA C 301 6.67 33.19 11.84
N LYS C 302 6.71 33.02 13.16
CA LYS C 302 6.62 34.13 14.07
C LYS C 302 7.78 34.16 15.07
N GLN C 303 8.92 33.59 14.69
CA GLN C 303 10.04 33.58 15.61
C GLN C 303 11.37 33.75 14.93
N THR C 304 12.35 34.20 15.72
CA THR C 304 13.72 34.43 15.28
C THR C 304 14.58 33.18 15.43
N SER C 305 14.38 32.45 16.50
CA SER C 305 15.14 31.23 16.78
C SER C 305 14.24 30.03 17.03
N LEU C 306 14.80 28.83 16.87
CA LEU C 306 14.02 27.63 17.11
C LEU C 306 13.62 27.58 18.57
N ASP C 307 14.59 27.76 19.46
CA ASP C 307 14.33 27.75 20.90
C ASP C 307 13.04 28.55 21.18
N ALA C 308 12.94 29.68 20.51
CA ALA C 308 11.78 30.55 20.64
C ALA C 308 10.56 29.79 20.13
N VAL C 309 10.67 29.23 18.94
CA VAL C 309 9.59 28.44 18.34
C VAL C 309 9.12 27.45 19.38
N ALA C 310 10.06 26.65 19.84
CA ALA C 310 9.81 25.63 20.84
C ALA C 310 9.10 26.17 22.06
N GLN C 311 9.82 26.98 22.81
CA GLN C 311 9.27 27.55 24.03
C GLN C 311 7.87 28.10 23.80
N ALA C 312 7.69 28.81 22.69
CA ALA C 312 6.41 29.38 22.35
C ALA C 312 5.27 28.35 22.48
N VAL C 313 5.46 27.20 21.84
CA VAL C 313 4.46 26.13 21.86
C VAL C 313 4.23 25.57 23.26
N VAL C 314 5.32 25.40 24.01
CA VAL C 314 5.24 24.89 25.37
C VAL C 314 4.41 25.85 26.23
N ASP C 315 4.67 27.14 26.05
CA ASP C 315 3.95 28.18 26.78
C ASP C 315 2.50 28.15 26.36
N ARG C 316 2.26 28.14 25.05
CA ARG C 316 0.91 28.09 24.52
C ARG C 316 0.17 26.91 25.13
N VAL C 317 0.80 25.74 25.16
CA VAL C 317 0.15 24.56 25.73
C VAL C 317 -0.04 24.74 27.22
N LYS C 318 0.99 25.26 27.88
CA LYS C 318 0.91 25.48 29.33
C LYS C 318 -0.29 26.39 29.59
N ARG C 319 -0.45 27.40 28.75
CA ARG C 319 -1.56 28.32 28.87
C ARG C 319 -2.90 27.56 28.75
N ILE C 320 -3.14 26.97 27.59
CA ILE C 320 -4.38 26.23 27.36
C ILE C 320 -4.76 25.33 28.52
N HIS C 321 -3.77 24.83 29.25
CA HIS C 321 -4.00 23.96 30.40
C HIS C 321 -4.64 24.71 31.55
N SER C 322 -3.93 25.74 32.02
CA SER C 322 -4.38 26.57 33.13
C SER C 322 -5.75 27.16 32.83
N ASP C 323 -5.89 27.74 31.65
CA ASP C 323 -7.16 28.35 31.25
C ASP C 323 -8.28 27.32 31.41
N THR C 324 -8.13 26.16 30.77
CA THR C 324 -9.17 25.12 30.86
C THR C 324 -9.59 24.84 32.31
N PHE C 325 -8.63 24.69 33.21
CA PHE C 325 -8.92 24.43 34.62
C PHE C 325 -9.66 25.59 35.27
N ALA C 326 -9.19 26.82 35.02
CA ALA C 326 -9.81 28.02 35.57
C ALA C 326 -11.20 28.17 35.00
N SER C 327 -11.28 28.42 33.70
CA SER C 327 -12.56 28.56 33.02
C SER C 327 -13.15 27.16 32.91
N GLY C 328 -13.13 26.43 34.02
CA GLY C 328 -13.64 25.07 34.05
C GLY C 328 -15.05 24.88 33.55
N GLY C 329 -15.37 23.65 33.15
CA GLY C 329 -16.68 23.32 32.66
C GLY C 329 -16.89 21.82 32.66
N GLU C 330 -16.44 21.17 31.59
CA GLU C 330 -16.56 19.73 31.46
C GLU C 330 -15.19 19.07 31.57
N ARG C 331 -14.26 19.51 30.73
CA ARG C 331 -12.91 18.98 30.71
C ARG C 331 -12.11 19.50 31.90
N ALA C 332 -12.72 20.38 32.69
CA ALA C 332 -12.07 20.97 33.85
C ALA C 332 -11.58 19.90 34.83
N ARG C 333 -12.37 18.86 35.04
CA ARG C 333 -11.99 17.81 35.97
C ARG C 333 -10.89 16.88 35.45
N PHE C 334 -10.04 17.39 34.56
CA PHE C 334 -8.95 16.60 34.01
C PHE C 334 -7.64 17.39 34.06
N CYS C 335 -7.66 18.54 34.72
CA CYS C 335 -6.46 19.36 34.79
C CYS C 335 -6.07 19.85 36.18
N PRO C 336 -6.07 18.95 37.18
CA PRO C 336 -5.70 19.39 38.52
C PRO C 336 -4.28 19.97 38.52
N ARG C 337 -3.46 19.51 37.55
CA ARG C 337 -2.08 19.96 37.36
C ARG C 337 -1.46 19.32 36.11
N HIS C 338 -0.14 19.41 35.99
CA HIS C 338 0.55 18.87 34.84
C HIS C 338 2.01 18.58 35.17
N GLU C 339 2.58 17.52 34.58
CA GLU C 339 3.97 17.14 34.84
C GLU C 339 4.90 17.94 33.93
N ASP C 340 6.20 17.75 34.10
CA ASP C 340 7.19 18.46 33.30
C ASP C 340 6.87 18.33 31.82
N MET C 341 7.18 19.38 31.08
CA MET C 341 6.91 19.39 29.65
C MET C 341 8.21 19.72 28.95
N THR C 342 8.59 18.90 27.97
CA THR C 342 9.81 19.14 27.23
C THR C 342 9.54 18.96 25.75
N LEU C 343 10.02 19.90 24.94
CA LEU C 343 9.81 19.84 23.51
C LEU C 343 11.12 20.17 22.80
N LEU C 344 11.50 19.31 21.85
CA LEU C 344 12.73 19.49 21.09
C LEU C 344 12.40 19.53 19.60
N VAL C 345 12.88 20.57 18.91
CA VAL C 345 12.63 20.71 17.48
C VAL C 345 13.91 20.79 16.65
N ARG C 346 13.94 19.99 15.60
CA ARG C 346 15.10 19.94 14.71
C ARG C 346 14.66 20.27 13.29
N ASN C 347 14.87 21.52 12.90
CA ASN C 347 14.48 22.00 11.57
C ASN C 347 15.14 21.24 10.42
N PHE C 348 14.38 21.05 9.35
CA PHE C 348 14.85 20.36 8.14
C PHE C 348 14.57 21.20 6.89
N GLY C 349 15.09 22.43 6.88
CA GLY C 349 14.89 23.31 5.74
C GLY C 349 13.55 24.02 5.72
N TYR C 350 12.87 24.07 6.85
CA TYR C 350 11.57 24.75 6.94
C TYR C 350 11.82 26.25 7.13
N PRO C 351 11.01 27.11 6.47
CA PRO C 351 11.14 28.58 6.56
C PRO C 351 10.98 29.18 7.97
N LEU C 352 12.08 29.61 8.57
CA LEU C 352 12.05 30.18 9.91
C LEU C 352 11.58 31.64 9.94
N GLY C 353 12.23 32.48 9.14
CA GLY C 353 11.88 33.90 9.05
C GLY C 353 12.08 34.70 10.34
N LYS D 14 15.44 -27.03 7.07
CA LYS D 14 14.32 -26.57 6.21
C LYS D 14 13.52 -25.50 6.93
N GLU D 15 13.02 -25.84 8.11
CA GLU D 15 12.24 -24.89 8.91
C GLU D 15 12.27 -25.30 10.39
N GLU D 16 13.42 -25.10 11.03
CA GLU D 16 13.57 -25.45 12.44
C GLU D 16 14.25 -24.31 13.17
N GLU D 17 15.22 -23.69 12.48
CA GLU D 17 16.00 -22.59 13.03
C GLU D 17 15.22 -21.31 13.31
N PHE D 18 14.01 -21.20 12.76
CA PHE D 18 13.23 -19.98 12.95
C PHE D 18 12.24 -20.00 14.11
N VAL D 19 12.26 -21.07 14.87
CA VAL D 19 11.39 -21.16 16.02
C VAL D 19 12.00 -20.21 17.05
N GLU D 20 13.32 -20.12 17.04
CA GLU D 20 14.04 -19.25 17.97
C GLU D 20 13.91 -17.80 17.49
N GLU D 21 13.39 -16.94 18.38
CA GLU D 21 13.19 -15.54 18.05
C GLU D 21 14.44 -14.81 17.57
N PHE D 22 15.59 -15.09 18.19
CA PHE D 22 16.84 -14.42 17.82
C PHE D 22 17.17 -14.60 16.33
N ASN D 23 16.99 -15.82 15.83
CA ASN D 23 17.29 -16.06 14.43
C ASN D 23 16.38 -15.25 13.53
N ARG D 24 15.08 -15.29 13.77
CA ARG D 24 14.13 -14.51 12.98
C ARG D 24 14.58 -13.05 12.85
N LEU D 25 15.07 -12.51 13.94
CA LEU D 25 15.53 -11.14 13.96
C LEU D 25 16.68 -10.96 13.00
N LYS D 26 17.59 -11.92 12.99
CA LYS D 26 18.75 -11.84 12.12
C LYS D 26 18.42 -11.67 10.65
N THR D 27 17.29 -12.23 10.23
CA THR D 27 16.86 -12.14 8.85
C THR D 27 16.43 -10.73 8.43
N PHE D 28 16.55 -9.75 9.31
CA PHE D 28 16.12 -8.40 8.96
C PHE D 28 17.25 -7.42 8.65
N ALA D 29 18.48 -7.89 8.73
CA ALA D 29 19.64 -7.03 8.51
C ALA D 29 19.57 -6.17 7.24
N ASN D 30 18.96 -6.68 6.18
CA ASN D 30 18.87 -5.92 4.93
C ASN D 30 17.44 -5.46 4.65
N PHE D 31 16.65 -5.32 5.71
CA PHE D 31 15.26 -4.90 5.56
C PHE D 31 15.26 -3.49 4.98
N PRO D 32 14.39 -3.25 3.97
CA PRO D 32 14.26 -1.95 3.29
C PRO D 32 14.09 -0.78 4.24
N SER D 33 15.03 0.15 4.22
CA SER D 33 14.96 1.34 5.07
C SER D 33 13.80 2.21 4.60
N GLY D 34 13.04 2.75 5.56
CA GLY D 34 11.90 3.59 5.22
C GLY D 34 10.62 2.90 5.62
N SER D 35 10.76 1.69 6.19
CA SER D 35 9.62 0.88 6.64
C SER D 35 9.10 1.34 7.99
N PRO D 36 7.77 1.38 8.17
CA PRO D 36 7.12 1.80 9.40
C PRO D 36 7.37 0.91 10.62
N VAL D 37 6.90 -0.32 10.56
CA VAL D 37 7.06 -1.24 11.68
C VAL D 37 8.48 -1.65 12.01
N SER D 38 8.75 -1.70 13.32
CA SER D 38 10.05 -2.07 13.87
C SER D 38 10.36 -3.51 13.63
N ALA D 39 11.60 -3.78 13.24
CA ALA D 39 12.06 -5.12 12.97
C ALA D 39 11.81 -6.03 14.17
N SER D 40 12.38 -5.64 15.31
CA SER D 40 12.26 -6.39 16.55
C SER D 40 10.84 -6.81 16.82
N THR D 41 9.91 -5.88 16.63
CA THR D 41 8.50 -6.15 16.86
C THR D 41 7.97 -7.19 15.89
N LEU D 42 8.42 -7.13 14.65
CA LEU D 42 7.97 -8.09 13.64
C LEU D 42 8.37 -9.49 14.06
N ALA D 43 9.62 -9.64 14.47
CA ALA D 43 10.16 -10.91 14.91
C ALA D 43 9.38 -11.46 16.12
N ARG D 44 9.19 -10.59 17.11
CA ARG D 44 8.43 -10.94 18.32
C ARG D 44 7.12 -11.58 17.85
N ALA D 45 6.55 -11.01 16.79
CA ALA D 45 5.29 -11.48 16.21
C ALA D 45 5.42 -12.80 15.47
N GLY D 46 6.63 -13.33 15.41
CA GLY D 46 6.85 -14.59 14.73
C GLY D 46 7.23 -14.46 13.26
N PHE D 47 7.30 -13.23 12.77
CA PHE D 47 7.65 -12.99 11.36
C PHE D 47 9.12 -13.19 11.03
N LEU D 48 9.37 -13.47 9.75
CA LEU D 48 10.70 -13.73 9.22
C LEU D 48 10.80 -12.95 7.93
N TYR D 49 11.94 -12.32 7.65
CA TYR D 49 12.08 -11.58 6.40
C TYR D 49 12.48 -12.47 5.21
N THR D 50 11.63 -12.51 4.18
CA THR D 50 11.86 -13.32 2.99
C THR D 50 13.00 -12.80 2.15
N GLY D 51 12.91 -11.55 1.75
CA GLY D 51 13.96 -10.97 0.95
C GLY D 51 13.44 -10.05 -0.14
N GLU D 52 12.16 -10.16 -0.46
CA GLU D 52 11.55 -9.32 -1.48
C GLU D 52 10.68 -8.24 -0.88
N GLY D 53 10.96 -7.00 -1.23
CA GLY D 53 10.18 -5.88 -0.73
C GLY D 53 10.14 -5.87 0.78
N ASP D 54 8.94 -5.73 1.32
CA ASP D 54 8.74 -5.70 2.76
C ASP D 54 7.85 -6.88 3.15
N THR D 55 8.04 -7.99 2.46
CA THR D 55 7.26 -9.17 2.71
C THR D 55 7.88 -10.03 3.81
N VAL D 56 7.04 -10.47 4.75
CA VAL D 56 7.47 -11.29 5.88
C VAL D 56 6.54 -12.50 5.99
N ARG D 57 6.97 -13.55 6.69
CA ARG D 57 6.15 -14.76 6.84
C ARG D 57 6.15 -15.39 8.25
N CYS D 58 4.96 -15.76 8.76
CA CYS D 58 4.86 -16.37 10.09
C CYS D 58 5.60 -17.72 10.00
N PHE D 59 6.54 -17.93 10.92
CA PHE D 59 7.34 -19.17 10.94
C PHE D 59 6.47 -20.36 11.23
N SER D 60 5.27 -20.08 11.72
CA SER D 60 4.29 -21.09 12.04
C SER D 60 3.39 -21.39 10.83
N CYS D 61 2.48 -20.48 10.53
CA CYS D 61 1.53 -20.63 9.42
C CYS D 61 2.07 -20.29 8.04
N HIS D 62 3.36 -19.98 7.95
CA HIS D 62 4.00 -19.63 6.67
C HIS D 62 3.21 -18.61 5.88
N ALA D 63 2.28 -17.94 6.55
CA ALA D 63 1.49 -16.91 5.89
C ALA D 63 2.42 -15.72 5.73
N ALA D 64 2.24 -14.98 4.66
CA ALA D 64 3.09 -13.83 4.40
C ALA D 64 2.34 -12.53 4.56
N VAL D 65 3.06 -11.48 4.91
CA VAL D 65 2.46 -10.16 5.06
C VAL D 65 3.38 -9.09 4.52
N ASP D 66 2.82 -8.19 3.72
CA ASP D 66 3.60 -7.12 3.13
C ASP D 66 2.80 -5.82 3.13
N ARG D 67 3.27 -4.85 2.35
CA ARG D 67 2.59 -3.57 2.23
C ARG D 67 2.24 -2.93 3.58
N TRP D 68 3.23 -2.82 4.47
CA TRP D 68 3.02 -2.22 5.78
C TRP D 68 2.84 -0.73 5.62
N GLN D 69 2.18 -0.11 6.60
CA GLN D 69 1.91 1.33 6.59
C GLN D 69 2.13 1.86 8.00
N TYR D 70 2.40 3.15 8.14
CA TYR D 70 2.61 3.71 9.47
C TYR D 70 1.42 3.49 10.37
N GLY D 71 1.69 3.12 11.61
CA GLY D 71 0.63 2.88 12.56
C GLY D 71 0.15 1.44 12.65
N ASP D 72 0.80 0.55 11.90
CA ASP D 72 0.41 -0.84 11.93
C ASP D 72 0.92 -1.60 13.15
N SER D 73 0.15 -2.63 13.51
CA SER D 73 0.50 -3.47 14.63
C SER D 73 0.93 -4.81 14.08
N ALA D 74 2.14 -5.24 14.41
CA ALA D 74 2.64 -6.52 13.93
C ALA D 74 1.65 -7.63 14.24
N VAL D 75 1.42 -7.88 15.52
CA VAL D 75 0.50 -8.91 15.93
C VAL D 75 -0.88 -8.61 15.39
N GLY D 76 -1.23 -7.33 15.29
CA GLY D 76 -2.53 -6.97 14.76
C GLY D 76 -2.73 -7.46 13.34
N ARG D 77 -1.95 -6.93 12.41
CA ARG D 77 -2.08 -7.33 11.02
C ARG D 77 -1.95 -8.84 10.94
N HIS D 78 -1.11 -9.41 11.80
CA HIS D 78 -0.91 -10.84 11.75
C HIS D 78 -2.18 -11.59 12.05
N ARG D 79 -2.85 -11.21 13.13
CA ARG D 79 -4.11 -11.86 13.52
C ARG D 79 -5.14 -11.73 12.40
N LYS D 80 -5.15 -10.57 11.75
CA LYS D 80 -6.10 -10.34 10.67
C LYS D 80 -5.85 -11.23 9.46
N VAL D 81 -4.61 -11.25 8.99
CA VAL D 81 -4.25 -12.04 7.82
C VAL D 81 -4.50 -13.53 8.07
N SER D 82 -3.79 -14.08 9.04
CA SER D 82 -3.90 -15.49 9.39
C SER D 82 -4.48 -15.58 10.80
N PRO D 83 -5.82 -15.57 10.92
CA PRO D 83 -6.48 -15.66 12.22
C PRO D 83 -6.23 -16.95 12.99
N ASN D 84 -5.17 -17.69 12.66
CA ASN D 84 -4.92 -18.92 13.39
C ASN D 84 -3.46 -19.35 13.55
N CYS D 85 -2.51 -18.51 13.10
CA CYS D 85 -1.07 -18.84 13.19
C CYS D 85 -0.65 -19.13 14.63
N ARG D 86 -1.13 -20.29 15.10
CA ARG D 86 -0.90 -20.84 16.43
C ARG D 86 -0.09 -19.93 17.33
N PHE D 87 1.12 -19.60 16.90
CA PHE D 87 1.99 -18.71 17.65
C PHE D 87 1.14 -17.58 18.22
N ILE D 88 0.36 -16.95 17.33
CA ILE D 88 -0.55 -15.86 17.66
C ILE D 88 -1.61 -16.26 18.68
N ASN D 89 -1.90 -17.56 18.74
CA ASN D 89 -2.91 -18.09 19.63
C ASN D 89 -2.35 -18.75 20.89
N GLY D 90 -1.04 -18.58 21.12
CA GLY D 90 -0.42 -19.12 22.31
C GLY D 90 -0.05 -20.59 22.40
N PHE D 91 -0.13 -21.34 21.29
CA PHE D 91 0.25 -22.75 21.30
C PHE D 91 1.77 -22.88 21.35
N TYR D 92 2.44 -21.80 21.72
CA TYR D 92 3.89 -21.81 21.79
C TYR D 92 4.33 -21.06 23.03
N LEU D 93 4.68 -21.82 24.07
CA LEU D 93 5.13 -21.20 25.31
C LEU D 93 6.36 -21.90 25.85
#